data_2KAS
# 
_entry.id   2KAS 
# 
_audit_conform.dict_name       mmcif_pdbx.dic 
_audit_conform.dict_version    5.392 
_audit_conform.dict_location   http://mmcif.pdb.org/dictionaries/ascii/mmcif_pdbx.dic 
# 
loop_
_database_2.database_id 
_database_2.database_code 
_database_2.pdbx_database_accession 
_database_2.pdbx_DOI 
PDB   2KAS         pdb_00002kas 10.2210/pdb2kas/pdb 
RCSB  RCSB100890   ?            ?                   
WWPDB D_1000100890 ?            ?                   
# 
loop_
_pdbx_audit_revision_history.ordinal 
_pdbx_audit_revision_history.data_content_type 
_pdbx_audit_revision_history.major_revision 
_pdbx_audit_revision_history.minor_revision 
_pdbx_audit_revision_history.revision_date 
1 'Structure model' 1 0 2009-05-26 
2 'Structure model' 1 1 2011-07-13 
3 'Structure model' 1 2 2022-03-16 
4 'Structure model' 1 3 2024-05-22 
# 
_pdbx_audit_revision_details.ordinal             1 
_pdbx_audit_revision_details.revision_ordinal    1 
_pdbx_audit_revision_details.data_content_type   'Structure model' 
_pdbx_audit_revision_details.provider            repository 
_pdbx_audit_revision_details.type                'Initial release' 
_pdbx_audit_revision_details.description         ? 
_pdbx_audit_revision_details.details             ? 
# 
loop_
_pdbx_audit_revision_group.ordinal 
_pdbx_audit_revision_group.revision_ordinal 
_pdbx_audit_revision_group.data_content_type 
_pdbx_audit_revision_group.group 
1 2 'Structure model' 'Version format compliance' 
2 3 'Structure model' 'Data collection'           
3 3 'Structure model' 'Database references'       
4 3 'Structure model' 'Derived calculations'      
5 4 'Structure model' 'Data collection'           
# 
loop_
_pdbx_audit_revision_category.ordinal 
_pdbx_audit_revision_category.revision_ordinal 
_pdbx_audit_revision_category.data_content_type 
_pdbx_audit_revision_category.category 
1 3 'Structure model' database_2            
2 3 'Structure model' pdbx_nmr_software     
3 3 'Structure model' pdbx_nmr_spectrometer 
4 3 'Structure model' pdbx_struct_assembly  
5 3 'Structure model' pdbx_struct_oper_list 
6 3 'Structure model' struct_conn           
7 3 'Structure model' struct_site           
8 4 'Structure model' chem_comp_atom        
9 4 'Structure model' chem_comp_bond        
# 
loop_
_pdbx_audit_revision_item.ordinal 
_pdbx_audit_revision_item.revision_ordinal 
_pdbx_audit_revision_item.data_content_type 
_pdbx_audit_revision_item.item 
1 3 'Structure model' '_database_2.pdbx_DOI'                
2 3 'Structure model' '_database_2.pdbx_database_accession' 
3 3 'Structure model' '_pdbx_nmr_software.name'             
4 3 'Structure model' '_pdbx_nmr_spectrometer.model'        
5 3 'Structure model' '_struct_conn.pdbx_leaving_atom_flag' 
6 3 'Structure model' '_struct_site.pdbx_auth_asym_id'      
7 3 'Structure model' '_struct_site.pdbx_auth_comp_id'      
8 3 'Structure model' '_struct_site.pdbx_auth_seq_id'       
# 
_pdbx_database_status.deposit_site                    BMRB 
_pdbx_database_status.entry_id                        2KAS 
_pdbx_database_status.process_site                    RCSB 
_pdbx_database_status.recvd_initial_deposition_date   2008-11-13 
_pdbx_database_status.SG_entry                        ? 
_pdbx_database_status.status_code                     REL 
_pdbx_database_status.status_code_mr                  REL 
_pdbx_database_status.status_code_sf                  ? 
_pdbx_database_status.pdb_format_compatible           Y 
_pdbx_database_status.status_code_cs                  ? 
_pdbx_database_status.status_code_nmr_data            ? 
_pdbx_database_status.methods_development_category    ? 
# 
_pdbx_database_related.db_name        PDB 
_pdbx_database_related.db_id          2KAR 
_pdbx_database_related.content_type   unspecified 
_pdbx_database_related.details        . 
# 
loop_
_audit_author.name 
_audit_author.pdbx_ordinal 
'Huang, H.'   1 
'Wang, H.'    2 
'Lloyd, R.S.' 3 
'Rizzo, C.J.' 4 
'Stone, M.P.' 5 
# 
_citation.id                        primary 
_citation.title                     
;Conformational interconversion of the trans-4-hydroxynonenal-derived (6S,8R,11S) 1,N(2)-deoxyguanosine adduct when mismatched with deoxyadenosine in DNA
;
_citation.journal_abbrev            Chem.Res.Toxicol. 
_citation.journal_volume            22 
_citation.page_first                187 
_citation.page_last                 200 
_citation.year                      2009 
_citation.journal_id_ASTM           CRTOEC 
_citation.country                   US 
_citation.journal_id_ISSN           0893-228X 
_citation.journal_id_CSD            2140 
_citation.book_publisher            ? 
_citation.pdbx_database_id_PubMed   19053179 
_citation.pdbx_database_id_DOI      10.1021/tx800320m 
# 
loop_
_citation_author.citation_id 
_citation_author.name 
_citation_author.ordinal 
_citation_author.identifier_ORCID 
primary 'Huang, H.'   1 ? 
primary 'Wang, H.'    2 ? 
primary 'Lloyd, R.S.' 3 ? 
primary 'Rizzo, C.J.' 4 ? 
primary 'Stone, M.P.' 5 ? 
# 
loop_
_entity.id 
_entity.type 
_entity.src_method 
_entity.pdbx_description 
_entity.formula_weight 
_entity.pdbx_number_of_molecules 
_entity.pdbx_ec 
_entity.pdbx_mutation 
_entity.pdbx_fragment 
_entity.details 
1 polymer     syn "5'-D(*DGP*DCP*DTP*DAP*DGP*DCP*DGP*DAP*DGP*DTP*DCP*DC)-3'" 3663.392 1 ? ? ? ? 
2 polymer     syn "5'-D(*DGP*DGP*DAP*DCP*DTP*DAP*DGP*DCP*DTP*DAP*DGP*DC)-3'" 3687.417 1 ? ? ? ? 
3 non-polymer syn '(4S)-nonane-1,4-diol'                                     160.254  1 ? ? ? ? 
# 
loop_
_entity_poly.entity_id 
_entity_poly.type 
_entity_poly.nstd_linkage 
_entity_poly.nstd_monomer 
_entity_poly.pdbx_seq_one_letter_code 
_entity_poly.pdbx_seq_one_letter_code_can 
_entity_poly.pdbx_strand_id 
_entity_poly.pdbx_target_identifier 
1 polydeoxyribonucleotide no no '(DG)(DC)(DT)(DA)(DG)(DC)(DG)(DA)(DG)(DT)(DC)(DC)' GCTAGCGAGTCC A ? 
2 polydeoxyribonucleotide no no '(DG)(DG)(DA)(DC)(DT)(DA)(DG)(DC)(DT)(DA)(DG)(DC)' GGACTAGCTAGC B ? 
# 
_pdbx_entity_nonpoly.entity_id   3 
_pdbx_entity_nonpoly.name        '(4S)-nonane-1,4-diol' 
_pdbx_entity_nonpoly.comp_id     HND 
# 
loop_
_entity_poly_seq.entity_id 
_entity_poly_seq.num 
_entity_poly_seq.mon_id 
_entity_poly_seq.hetero 
1 1  DG n 
1 2  DC n 
1 3  DT n 
1 4  DA n 
1 5  DG n 
1 6  DC n 
1 7  DG n 
1 8  DA n 
1 9  DG n 
1 10 DT n 
1 11 DC n 
1 12 DC n 
2 1  DG n 
2 2  DG n 
2 3  DA n 
2 4  DC n 
2 5  DT n 
2 6  DA n 
2 7  DG n 
2 8  DC n 
2 9  DT n 
2 10 DA n 
2 11 DG n 
2 12 DC n 
# 
loop_
_pdbx_entity_src_syn.entity_id 
_pdbx_entity_src_syn.pdbx_src_id 
_pdbx_entity_src_syn.pdbx_alt_source_flag 
_pdbx_entity_src_syn.pdbx_beg_seq_num 
_pdbx_entity_src_syn.pdbx_end_seq_num 
_pdbx_entity_src_syn.organism_scientific 
_pdbx_entity_src_syn.organism_common_name 
_pdbx_entity_src_syn.ncbi_taxonomy_id 
_pdbx_entity_src_syn.details 
1 1 sample ? ? ? ? ? 'The DNA oligomer is chemically synthesized.' 
2 1 sample ? ? ? ? ? 'The DNA oligomer is chemically synthesized.' 
# 
loop_
_chem_comp.id 
_chem_comp.type 
_chem_comp.mon_nstd_flag 
_chem_comp.name 
_chem_comp.pdbx_synonyms 
_chem_comp.formula 
_chem_comp.formula_weight 
DA  'DNA linking' y "2'-DEOXYADENOSINE-5'-MONOPHOSPHATE" ? 'C10 H14 N5 O6 P' 331.222 
DC  'DNA linking' y "2'-DEOXYCYTIDINE-5'-MONOPHOSPHATE"  ? 'C9 H14 N3 O7 P'  307.197 
DG  'DNA linking' y "2'-DEOXYGUANOSINE-5'-MONOPHOSPHATE" ? 'C10 H14 N5 O7 P' 347.221 
DT  'DNA linking' y "THYMIDINE-5'-MONOPHOSPHATE"         ? 'C10 H15 N2 O8 P' 322.208 
HND non-polymer   . '(4S)-nonane-1,4-diol'               ? 'C9 H20 O2'       160.254 
# 
loop_
_pdbx_poly_seq_scheme.asym_id 
_pdbx_poly_seq_scheme.entity_id 
_pdbx_poly_seq_scheme.seq_id 
_pdbx_poly_seq_scheme.mon_id 
_pdbx_poly_seq_scheme.ndb_seq_num 
_pdbx_poly_seq_scheme.pdb_seq_num 
_pdbx_poly_seq_scheme.auth_seq_num 
_pdbx_poly_seq_scheme.pdb_mon_id 
_pdbx_poly_seq_scheme.auth_mon_id 
_pdbx_poly_seq_scheme.pdb_strand_id 
_pdbx_poly_seq_scheme.pdb_ins_code 
_pdbx_poly_seq_scheme.hetero 
A 1 1  DG 1  1  1  DG DG A . n 
A 1 2  DC 2  2  2  DC DC A . n 
A 1 3  DT 3  3  3  DT DT A . n 
A 1 4  DA 4  4  4  DA DA A . n 
A 1 5  DG 5  5  5  DG DG A . n 
A 1 6  DC 6  6  6  DC DC A . n 
A 1 7  DG 7  7  7  DG DG A . n 
A 1 8  DA 8  8  8  DA DA A . n 
A 1 9  DG 9  9  9  DG DG A . n 
A 1 10 DT 10 10 10 DT DT A . n 
A 1 11 DC 11 11 11 DC DC A . n 
A 1 12 DC 12 12 12 DC DC A . n 
B 2 1  DG 1  13 13 DG DG B . n 
B 2 2  DG 2  14 14 DG DG B . n 
B 2 3  DA 3  15 15 DA DA B . n 
B 2 4  DC 4  16 16 DC DC B . n 
B 2 5  DT 5  17 17 DT DT B . n 
B 2 6  DA 6  18 18 DA DA B . n 
B 2 7  DG 7  19 19 DG DG B . n 
B 2 8  DC 8  20 20 DC DC B . n 
B 2 9  DT 9  21 21 DT DT B . n 
B 2 10 DA 10 22 22 DA DA B . n 
B 2 11 DG 11 23 23 DG DG B . n 
B 2 12 DC 12 24 24 DC DC B . n 
# 
_pdbx_nonpoly_scheme.asym_id         C 
_pdbx_nonpoly_scheme.entity_id       3 
_pdbx_nonpoly_scheme.mon_id          HND 
_pdbx_nonpoly_scheme.ndb_seq_num     1 
_pdbx_nonpoly_scheme.pdb_seq_num     25 
_pdbx_nonpoly_scheme.auth_seq_num    25 
_pdbx_nonpoly_scheme.pdb_mon_id      HND 
_pdbx_nonpoly_scheme.auth_mon_id     HND 
_pdbx_nonpoly_scheme.pdb_strand_id   A 
_pdbx_nonpoly_scheme.pdb_ins_code    . 
# 
_exptl.absorpt_coefficient_mu     ? 
_exptl.absorpt_correction_T_max   ? 
_exptl.absorpt_correction_T_min   ? 
_exptl.absorpt_correction_type    ? 
_exptl.absorpt_process_details    ? 
_exptl.crystals_number            ? 
_exptl.details                    ? 
_exptl.entry_id                   2KAS 
_exptl.method                     'SOLUTION NMR' 
_exptl.method_details             ? 
# 
_struct.entry_id                  2KAS 
_struct.title                     'HNE-dG adduct mismatched with dA in basic solution' 
_struct.pdbx_model_details        ? 
_struct.pdbx_CASP_flag            ? 
_struct.pdbx_model_type_details   ? 
# 
_struct_keywords.entry_id        2KAS 
_struct_keywords.pdbx_keywords   DNA 
_struct_keywords.text            'HNE-dG, mismatch, hydroxynonenal, DNA' 
# 
loop_
_struct_asym.id 
_struct_asym.pdbx_blank_PDB_chainid_flag 
_struct_asym.pdbx_modified 
_struct_asym.entity_id 
_struct_asym.details 
A N N 1 ? 
B N N 2 ? 
C N N 3 ? 
# 
loop_
_struct_ref.id 
_struct_ref.db_name 
_struct_ref.db_code 
_struct_ref.pdbx_db_accession 
_struct_ref.entity_id 
_struct_ref.pdbx_align_begin 
_struct_ref.pdbx_seq_one_letter_code 
_struct_ref.pdbx_db_isoform 
1 PDB 2KAS 2KAS 1 1 GCTAGCGAGTCC ? 
2 PDB 2KAS 2KAS 2 1 GGACTAGCTAGC ? 
# 
loop_
_struct_ref_seq.align_id 
_struct_ref_seq.ref_id 
_struct_ref_seq.pdbx_PDB_id_code 
_struct_ref_seq.pdbx_strand_id 
_struct_ref_seq.seq_align_beg 
_struct_ref_seq.pdbx_seq_align_beg_ins_code 
_struct_ref_seq.seq_align_end 
_struct_ref_seq.pdbx_seq_align_end_ins_code 
_struct_ref_seq.pdbx_db_accession 
_struct_ref_seq.db_align_beg 
_struct_ref_seq.pdbx_db_align_beg_ins_code 
_struct_ref_seq.db_align_end 
_struct_ref_seq.pdbx_db_align_end_ins_code 
_struct_ref_seq.pdbx_auth_seq_align_beg 
_struct_ref_seq.pdbx_auth_seq_align_end 
1 1 2KAS A 1 ? 12 ? 2KAS 1  ? 12 ? 1  12 
2 2 2KAS B 1 ? 12 ? 2KAS 13 ? 24 ? 13 24 
# 
_pdbx_struct_assembly.id                   1 
_pdbx_struct_assembly.details              author_defined_assembly 
_pdbx_struct_assembly.method_details       ? 
_pdbx_struct_assembly.oligomeric_details   dimeric 
_pdbx_struct_assembly.oligomeric_count     2 
# 
_pdbx_struct_assembly_gen.assembly_id       1 
_pdbx_struct_assembly_gen.oper_expression   1 
_pdbx_struct_assembly_gen.asym_id_list      A,B,C 
# 
_pdbx_struct_oper_list.id                   1 
_pdbx_struct_oper_list.type                 'identity operation' 
_pdbx_struct_oper_list.name                 1_555 
_pdbx_struct_oper_list.symmetry_operation   x,y,z 
_pdbx_struct_oper_list.matrix[1][1]         1.0000000000 
_pdbx_struct_oper_list.matrix[1][2]         0.0000000000 
_pdbx_struct_oper_list.matrix[1][3]         0.0000000000 
_pdbx_struct_oper_list.vector[1]            0.0000000000 
_pdbx_struct_oper_list.matrix[2][1]         0.0000000000 
_pdbx_struct_oper_list.matrix[2][2]         1.0000000000 
_pdbx_struct_oper_list.matrix[2][3]         0.0000000000 
_pdbx_struct_oper_list.vector[2]            0.0000000000 
_pdbx_struct_oper_list.matrix[3][1]         0.0000000000 
_pdbx_struct_oper_list.matrix[3][2]         0.0000000000 
_pdbx_struct_oper_list.matrix[3][3]         1.0000000000 
_pdbx_struct_oper_list.vector[3]            0.0000000000 
# 
_struct_biol.id        1 
_struct_biol.details   ? 
# 
loop_
_struct_conn.id 
_struct_conn.conn_type_id 
_struct_conn.pdbx_leaving_atom_flag 
_struct_conn.pdbx_PDB_id 
_struct_conn.ptnr1_label_asym_id 
_struct_conn.ptnr1_label_comp_id 
_struct_conn.ptnr1_label_seq_id 
_struct_conn.ptnr1_label_atom_id 
_struct_conn.pdbx_ptnr1_label_alt_id 
_struct_conn.pdbx_ptnr1_PDB_ins_code 
_struct_conn.pdbx_ptnr1_standard_comp_id 
_struct_conn.ptnr1_symmetry 
_struct_conn.ptnr2_label_asym_id 
_struct_conn.ptnr2_label_comp_id 
_struct_conn.ptnr2_label_seq_id 
_struct_conn.ptnr2_label_atom_id 
_struct_conn.pdbx_ptnr2_label_alt_id 
_struct_conn.pdbx_ptnr2_PDB_ins_code 
_struct_conn.ptnr1_auth_asym_id 
_struct_conn.ptnr1_auth_comp_id 
_struct_conn.ptnr1_auth_seq_id 
_struct_conn.ptnr2_auth_asym_id 
_struct_conn.ptnr2_auth_comp_id 
_struct_conn.ptnr2_auth_seq_id 
_struct_conn.ptnr2_symmetry 
_struct_conn.pdbx_ptnr3_label_atom_id 
_struct_conn.pdbx_ptnr3_label_seq_id 
_struct_conn.pdbx_ptnr3_label_comp_id 
_struct_conn.pdbx_ptnr3_label_asym_id 
_struct_conn.pdbx_ptnr3_label_alt_id 
_struct_conn.pdbx_ptnr3_PDB_ins_code 
_struct_conn.details 
_struct_conn.pdbx_dist_value 
_struct_conn.pdbx_value_order 
_struct_conn.pdbx_role 
covale1  covale one ? A DG 7  N2 ? ? ? 1_555 C HND .  C3 ? ? A DG 7  A HND 25 1_555 ? ? ? ? ? ? ?            1.450 ? ? 
covale2  covale one ? A DG 7  N1 ? ? ? 1_555 C HND .  C1 ? ? A DG 7  A HND 25 1_555 ? ? ? ? ? ? ?            1.492 ? ? 
hydrog1  hydrog ?   ? A DG 1  N1 ? ? ? 1_555 B DC  12 N3 ? ? A DG 1  B DC  24 1_555 ? ? ? ? ? ? WATSON-CRICK ?     ? ? 
hydrog2  hydrog ?   ? A DG 1  N2 ? ? ? 1_555 B DC  12 O2 ? ? A DG 1  B DC  24 1_555 ? ? ? ? ? ? WATSON-CRICK ?     ? ? 
hydrog3  hydrog ?   ? A DG 1  O6 ? ? ? 1_555 B DC  12 N4 ? ? A DG 1  B DC  24 1_555 ? ? ? ? ? ? WATSON-CRICK ?     ? ? 
hydrog4  hydrog ?   ? A DC 2  N3 ? ? ? 1_555 B DG  11 N1 ? ? A DC 2  B DG  23 1_555 ? ? ? ? ? ? WATSON-CRICK ?     ? ? 
hydrog5  hydrog ?   ? A DC 2  N4 ? ? ? 1_555 B DG  11 O6 ? ? A DC 2  B DG  23 1_555 ? ? ? ? ? ? WATSON-CRICK ?     ? ? 
hydrog6  hydrog ?   ? A DC 2  O2 ? ? ? 1_555 B DG  11 N2 ? ? A DC 2  B DG  23 1_555 ? ? ? ? ? ? WATSON-CRICK ?     ? ? 
hydrog7  hydrog ?   ? A DT 3  N3 ? ? ? 1_555 B DA  10 N1 ? ? A DT 3  B DA  22 1_555 ? ? ? ? ? ? WATSON-CRICK ?     ? ? 
hydrog8  hydrog ?   ? A DT 3  O4 ? ? ? 1_555 B DA  10 N6 ? ? A DT 3  B DA  22 1_555 ? ? ? ? ? ? WATSON-CRICK ?     ? ? 
hydrog9  hydrog ?   ? A DA 4  N1 ? ? ? 1_555 B DT  9  N3 ? ? A DA 4  B DT  21 1_555 ? ? ? ? ? ? WATSON-CRICK ?     ? ? 
hydrog10 hydrog ?   ? A DA 4  N6 ? ? ? 1_555 B DT  9  O4 ? ? A DA 4  B DT  21 1_555 ? ? ? ? ? ? WATSON-CRICK ?     ? ? 
hydrog11 hydrog ?   ? A DG 5  N1 ? ? ? 1_555 B DC  8  N3 ? ? A DG 5  B DC  20 1_555 ? ? ? ? ? ? WATSON-CRICK ?     ? ? 
hydrog12 hydrog ?   ? A DG 5  N2 ? ? ? 1_555 B DC  8  O2 ? ? A DG 5  B DC  20 1_555 ? ? ? ? ? ? WATSON-CRICK ?     ? ? 
hydrog13 hydrog ?   ? A DG 5  O6 ? ? ? 1_555 B DC  8  N4 ? ? A DG 5  B DC  20 1_555 ? ? ? ? ? ? WATSON-CRICK ?     ? ? 
hydrog14 hydrog ?   ? A DC 6  N3 ? ? ? 1_555 B DG  7  N1 ? ? A DC 6  B DG  19 1_555 ? ? ? ? ? ? WATSON-CRICK ?     ? ? 
hydrog15 hydrog ?   ? A DC 6  N4 ? ? ? 1_555 B DG  7  O6 ? ? A DC 6  B DG  19 1_555 ? ? ? ? ? ? WATSON-CRICK ?     ? ? 
hydrog16 hydrog ?   ? A DC 6  O2 ? ? ? 1_555 B DG  7  N2 ? ? A DC 6  B DG  19 1_555 ? ? ? ? ? ? WATSON-CRICK ?     ? ? 
hydrog17 hydrog ?   ? A DA 8  N6 ? ? ? 1_555 B DT  5  O2 ? ? A DA 8  B DT  17 1_555 ? ? ? ? ? ? 'DA-DT PAIR' ?     ? ? 
hydrog18 hydrog ?   ? A DG 9  N1 ? ? ? 1_555 B DC  4  N3 ? ? A DG 9  B DC  16 1_555 ? ? ? ? ? ? WATSON-CRICK ?     ? ? 
hydrog19 hydrog ?   ? A DG 9  N2 ? ? ? 1_555 B DC  4  O2 ? ? A DG 9  B DC  16 1_555 ? ? ? ? ? ? WATSON-CRICK ?     ? ? 
hydrog20 hydrog ?   ? A DG 9  O6 ? ? ? 1_555 B DC  4  N4 ? ? A DG 9  B DC  16 1_555 ? ? ? ? ? ? WATSON-CRICK ?     ? ? 
hydrog21 hydrog ?   ? A DT 10 N3 ? ? ? 1_555 B DA  3  N1 ? ? A DT 10 B DA  15 1_555 ? ? ? ? ? ? WATSON-CRICK ?     ? ? 
hydrog22 hydrog ?   ? A DT 10 O4 ? ? ? 1_555 B DA  3  N6 ? ? A DT 10 B DA  15 1_555 ? ? ? ? ? ? WATSON-CRICK ?     ? ? 
hydrog23 hydrog ?   ? A DC 11 N3 ? ? ? 1_555 B DG  2  N1 ? ? A DC 11 B DG  14 1_555 ? ? ? ? ? ? WATSON-CRICK ?     ? ? 
hydrog24 hydrog ?   ? A DC 11 N4 ? ? ? 1_555 B DG  2  O6 ? ? A DC 11 B DG  14 1_555 ? ? ? ? ? ? WATSON-CRICK ?     ? ? 
hydrog25 hydrog ?   ? A DC 11 O2 ? ? ? 1_555 B DG  2  N2 ? ? A DC 11 B DG  14 1_555 ? ? ? ? ? ? WATSON-CRICK ?     ? ? 
hydrog26 hydrog ?   ? A DC 12 N3 ? ? ? 1_555 B DG  1  N1 ? ? A DC 12 B DG  13 1_555 ? ? ? ? ? ? WATSON-CRICK ?     ? ? 
hydrog27 hydrog ?   ? A DC 12 N4 ? ? ? 1_555 B DG  1  O6 ? ? A DC 12 B DG  13 1_555 ? ? ? ? ? ? WATSON-CRICK ?     ? ? 
hydrog28 hydrog ?   ? A DC 12 O2 ? ? ? 1_555 B DG  1  N2 ? ? A DC 12 B DG  13 1_555 ? ? ? ? ? ? WATSON-CRICK ?     ? ? 
# 
loop_
_struct_conn_type.id 
_struct_conn_type.criteria 
_struct_conn_type.reference 
covale ? ? 
hydrog ? ? 
# 
_struct_site.id                   AC1 
_struct_site.pdbx_evidence_code   Software 
_struct_site.pdbx_auth_asym_id    A 
_struct_site.pdbx_auth_comp_id    HND 
_struct_site.pdbx_auth_seq_id     25 
_struct_site.pdbx_auth_ins_code   ? 
_struct_site.pdbx_num_residues    5 
_struct_site.details              'BINDING SITE FOR RESIDUE HND A 25' 
# 
loop_
_struct_site_gen.id 
_struct_site_gen.site_id 
_struct_site_gen.pdbx_num_res 
_struct_site_gen.label_comp_id 
_struct_site_gen.label_asym_id 
_struct_site_gen.label_seq_id 
_struct_site_gen.pdbx_auth_ins_code 
_struct_site_gen.auth_comp_id 
_struct_site_gen.auth_asym_id 
_struct_site_gen.auth_seq_id 
_struct_site_gen.label_atom_id 
_struct_site_gen.label_alt_id 
_struct_site_gen.symmetry 
_struct_site_gen.details 
1 AC1 5 DG A 7 ? DG A 7  . ? 1_555 ? 
2 AC1 5 DA A 8 ? DA A 8  . ? 1_555 ? 
3 AC1 5 DG A 9 ? DG A 9  . ? 1_555 ? 
4 AC1 5 DA B 6 ? DA B 18 . ? 1_555 ? 
5 AC1 5 DG B 7 ? DG B 19 . ? 1_555 ? 
# 
loop_
_pdbx_validate_rmsd_angle.id 
_pdbx_validate_rmsd_angle.PDB_model_num 
_pdbx_validate_rmsd_angle.auth_atom_id_1 
_pdbx_validate_rmsd_angle.auth_asym_id_1 
_pdbx_validate_rmsd_angle.auth_comp_id_1 
_pdbx_validate_rmsd_angle.auth_seq_id_1 
_pdbx_validate_rmsd_angle.PDB_ins_code_1 
_pdbx_validate_rmsd_angle.label_alt_id_1 
_pdbx_validate_rmsd_angle.auth_atom_id_2 
_pdbx_validate_rmsd_angle.auth_asym_id_2 
_pdbx_validate_rmsd_angle.auth_comp_id_2 
_pdbx_validate_rmsd_angle.auth_seq_id_2 
_pdbx_validate_rmsd_angle.PDB_ins_code_2 
_pdbx_validate_rmsd_angle.label_alt_id_2 
_pdbx_validate_rmsd_angle.auth_atom_id_3 
_pdbx_validate_rmsd_angle.auth_asym_id_3 
_pdbx_validate_rmsd_angle.auth_comp_id_3 
_pdbx_validate_rmsd_angle.auth_seq_id_3 
_pdbx_validate_rmsd_angle.PDB_ins_code_3 
_pdbx_validate_rmsd_angle.label_alt_id_3 
_pdbx_validate_rmsd_angle.angle_value 
_pdbx_validate_rmsd_angle.angle_target_value 
_pdbx_validate_rmsd_angle.angle_deviation 
_pdbx_validate_rmsd_angle.angle_standard_deviation 
_pdbx_validate_rmsd_angle.linker_flag 
1  1 N1    A DC 2  ? ? C2    A DC 2  ? ? O2 A DC 2  ? ? 122.74 118.90 3.84  0.60 N 
2  1 N3    A DC 2  ? ? C2    A DC 2  ? ? O2 A DC 2  ? ? 116.60 121.90 -5.30 0.70 N 
3  1 "O4'" A DT 3  ? ? "C1'" A DT 3  ? ? N1 A DT 3  ? ? 111.38 108.30 3.08  0.30 N 
4  1 C6    A DT 3  ? ? C5    A DT 3  ? ? C7 A DT 3  ? ? 119.25 122.90 -3.65 0.60 N 
5  1 C4    A DA 4  ? ? C5    A DA 4  ? ? C6 A DA 4  ? ? 113.70 117.00 -3.30 0.50 N 
6  1 C5    A DA 4  ? ? C6    A DA 4  ? ? N1 A DA 4  ? ? 121.14 117.70 3.44  0.50 N 
7  1 N1    A DA 4  ? ? C6    A DA 4  ? ? N6 A DA 4  ? ? 113.81 118.60 -4.79 0.60 N 
8  1 "O4'" A DG 5  ? ? "C1'" A DG 5  ? ? N9 A DG 5  ? ? 110.24 108.30 1.94  0.30 N 
9  1 N3    A DC 6  ? ? C2    A DC 6  ? ? O2 A DC 6  ? ? 116.89 121.90 -5.01 0.70 N 
10 1 "O4'" A DG 7  ? ? "C1'" A DG 7  ? ? N9 A DG 7  ? ? 111.61 108.30 3.31  0.30 N 
11 1 C6    A DG 7  ? ? N1    A DG 7  ? ? C2 A DG 7  ? ? 120.83 125.10 -4.27 0.60 N 
12 1 N3    A DG 7  ? ? C2    A DG 7  ? ? N2 A DG 7  ? ? 113.26 119.90 -6.64 0.70 N 
13 1 "O4'" A DA 8  ? ? "C1'" A DA 8  ? ? N9 A DA 8  ? ? 110.79 108.30 2.49  0.30 N 
14 1 C4    A DA 8  ? ? C5    A DA 8  ? ? C6 A DA 8  ? ? 113.26 117.00 -3.74 0.50 N 
15 1 C5    A DA 8  ? ? C6    A DA 8  ? ? N1 A DA 8  ? ? 121.41 117.70 3.71  0.50 N 
16 1 N1    A DA 8  ? ? C6    A DA 8  ? ? N6 A DA 8  ? ? 112.50 118.60 -6.10 0.60 N 
17 1 C6    A DT 10 ? ? C5    A DT 10 ? ? C7 A DT 10 ? ? 119.08 122.90 -3.82 0.60 N 
18 1 "O4'" A DC 11 ? ? "C1'" A DC 11 ? ? N1 A DC 11 ? ? 110.15 108.30 1.85  0.30 N 
19 1 N3    A DC 11 ? ? C2    A DC 11 ? ? O2 A DC 11 ? ? 116.88 121.90 -5.02 0.70 N 
20 1 "O4'" A DC 12 ? ? "C1'" A DC 12 ? ? N1 A DC 12 ? ? 110.18 108.30 1.88  0.30 N 
21 1 N3    A DC 12 ? ? C2    A DC 12 ? ? O2 A DC 12 ? ? 116.91 121.90 -4.99 0.70 N 
22 1 "O4'" B DG 13 ? ? "C1'" B DG 13 ? ? N9 B DG 13 ? ? 110.70 108.30 2.40  0.30 N 
23 1 C4    B DA 15 ? ? C5    B DA 15 ? ? C6 B DA 15 ? ? 113.90 117.00 -3.10 0.50 N 
24 1 C5    B DA 15 ? ? C6    B DA 15 ? ? N1 B DA 15 ? ? 121.43 117.70 3.73  0.50 N 
25 1 N1    B DA 15 ? ? C6    B DA 15 ? ? N6 B DA 15 ? ? 114.28 118.60 -4.32 0.60 N 
26 1 "O4'" B DC 16 ? ? "C1'" B DC 16 ? ? N1 B DC 16 ? ? 110.96 108.30 2.66  0.30 N 
27 1 N3    B DC 16 ? ? C2    B DC 16 ? ? O2 B DC 16 ? ? 116.86 121.90 -5.04 0.70 N 
28 1 C6    B DT 17 ? ? C5    B DT 17 ? ? C7 B DT 17 ? ? 119.17 122.90 -3.73 0.60 N 
29 1 "C3'" B DT 17 ? ? "O3'" B DT 17 ? ? P  B DA 18 ? ? 127.15 119.70 7.45  1.20 Y 
30 1 "O4'" B DA 18 ? ? "C1'" B DA 18 ? ? N9 B DA 18 ? ? 112.76 108.30 4.46  0.30 N 
31 1 C4    B DA 18 ? ? C5    B DA 18 ? ? C6 B DA 18 ? ? 113.58 117.00 -3.42 0.50 N 
32 1 C5    B DA 18 ? ? C6    B DA 18 ? ? N1 B DA 18 ? ? 121.72 117.70 4.02  0.50 N 
33 1 N1    B DA 18 ? ? C6    B DA 18 ? ? N6 B DA 18 ? ? 112.98 118.60 -5.62 0.60 N 
34 1 N1    B DC 20 ? ? C2    B DC 20 ? ? O2 B DC 20 ? ? 122.52 118.90 3.62  0.60 N 
35 1 N3    B DC 20 ? ? C2    B DC 20 ? ? O2 B DC 20 ? ? 116.85 121.90 -5.05 0.70 N 
36 1 "O4'" B DT 21 ? ? "C1'" B DT 21 ? ? N1 B DT 21 ? ? 110.31 108.30 2.01  0.30 N 
37 1 C6    B DT 21 ? ? C5    B DT 21 ? ? C7 B DT 21 ? ? 119.29 122.90 -3.61 0.60 N 
38 1 C4    B DA 22 ? ? C5    B DA 22 ? ? C6 B DA 22 ? ? 113.68 117.00 -3.32 0.50 N 
39 1 C5    B DA 22 ? ? C6    B DA 22 ? ? N1 B DA 22 ? ? 121.21 117.70 3.51  0.50 N 
40 1 N1    B DA 22 ? ? C6    B DA 22 ? ? N6 B DA 22 ? ? 113.89 118.60 -4.71 0.60 N 
41 1 "O4'" B DC 24 ? ? "C1'" B DC 24 ? ? N1 B DC 24 ? ? 110.62 108.30 2.32  0.30 N 
42 1 N3    B DC 24 ? ? C2    B DC 24 ? ? O2 B DC 24 ? ? 116.82 121.90 -5.08 0.70 N 
# 
_pdbx_entry_details.entry_id                 2KAS 
_pdbx_entry_details.nonpolymer_details       
;THE LIGAND HND FORMS TWO COVALENT BONDS WITH THE DEOXY-GUANINE AT POSITION 7 OF CHAIN A. THIS LIGAND IS FORMED BY CHEMICAL REACTION OF ANOTHER LIGAND HNE.
;
_pdbx_entry_details.compound_details         ? 
_pdbx_entry_details.source_details           ? 
_pdbx_entry_details.sequence_details         ? 
_pdbx_entry_details.has_ligand_of_interest   ? 
# 
_pdbx_nmr_ensemble.average_constraint_violations_per_residue     ? 
_pdbx_nmr_ensemble.average_constraints_per_residue               ? 
_pdbx_nmr_ensemble.average_distance_constraint_violation         ? 
_pdbx_nmr_ensemble.average_torsion_angle_constraint_violation    ? 
_pdbx_nmr_ensemble.conformer_selection_criteria                  'back calculated data agree with experimental NOESY spectrum' 
_pdbx_nmr_ensemble.conformers_calculated_total_number            10 
_pdbx_nmr_ensemble.conformers_submitted_total_number             1 
_pdbx_nmr_ensemble.distance_constraint_violation_method          ? 
_pdbx_nmr_ensemble.entry_id                                      2KAS 
_pdbx_nmr_ensemble.maximum_distance_constraint_violation         ? 
_pdbx_nmr_ensemble.maximum_lower_distance_constraint_violation   ? 
_pdbx_nmr_ensemble.maximum_torsion_angle_constraint_violation    ? 
_pdbx_nmr_ensemble.maximum_upper_distance_constraint_violation   ? 
_pdbx_nmr_ensemble.torsion_angle_constraint_violation_method     ? 
# 
_pdbx_nmr_representative.conformer_id         1 
_pdbx_nmr_representative.entry_id             2KAS 
_pdbx_nmr_representative.selection_criteria   'closest to the average' 
# 
_pdbx_nmr_sample_details.contents         
;1.0 mM DNA (5'-D(*DGP*DCP*DTP*DAP*DGP*DCP*DGP*DAP*DGP*DTP*DCP*DC)-3'), 1.0 mM DNA (5'-D(*DGP*DGP*DAP*DCP*DTP*DAP*DGP*DCP*DTP*DAP*DGP*DC)-3'), 1.0 mM (2E,4R)-4-HYDROXYNON-2-ENAL, 100% D2O
;
_pdbx_nmr_sample_details.solution_id      1 
_pdbx_nmr_sample_details.solvent_system   '100% D2O' 
# 
loop_
_pdbx_nmr_exptl_sample.component 
_pdbx_nmr_exptl_sample.concentration 
_pdbx_nmr_exptl_sample.concentration_units 
_pdbx_nmr_exptl_sample.isotopic_labeling 
_pdbx_nmr_exptl_sample.solution_id 
"5'-D(*DGP*DCP*DTP*DAP*DGP*DCP*DGP*DAP*DGP*DTP*DCP*DC)-3'" 1.0 mM ? 1 
"5'-D(*DGP*DGP*DAP*DCP*DTP*DAP*DGP*DCP*DTP*DAP*DGP*DC)-3'" 1.0 mM ? 1 
'(2E,4R)-4-HYDROXYNON-2-ENAL'                              1.0 mM ? 1 
# 
_pdbx_nmr_exptl_sample_conditions.conditions_id       1 
_pdbx_nmr_exptl_sample_conditions.ionic_strength      100 
_pdbx_nmr_exptl_sample_conditions.pH                  8.9 
_pdbx_nmr_exptl_sample_conditions.pressure            ambient 
_pdbx_nmr_exptl_sample_conditions.pressure_units      ? 
_pdbx_nmr_exptl_sample_conditions.temperature         288 
_pdbx_nmr_exptl_sample_conditions.temperature_units   K 
# 
_pdbx_nmr_exptl.conditions_id   1 
_pdbx_nmr_exptl.experiment_id   1 
_pdbx_nmr_exptl.solution_id     1 
_pdbx_nmr_exptl.type            '2D 1H-1H NOESY' 
# 
_pdbx_nmr_refine.entry_id           2KAS 
_pdbx_nmr_refine.method             'simulated annealing' 
_pdbx_nmr_refine.details            ? 
_pdbx_nmr_refine.software_ordinal   1 
# 
_pdbx_nmr_software.authors          'Case, Darden, Cheatham, III, Simmerling, Wang, Duke, Luo, ... and Kollm' 
_pdbx_nmr_software.classification   refinement 
_pdbx_nmr_software.name             Amber 
_pdbx_nmr_software.version          ? 
_pdbx_nmr_software.ordinal          1 
# 
loop_
_chem_comp_atom.comp_id 
_chem_comp_atom.atom_id 
_chem_comp_atom.type_symbol 
_chem_comp_atom.pdbx_aromatic_flag 
_chem_comp_atom.pdbx_stereo_config 
_chem_comp_atom.pdbx_ordinal 
DA  OP3    O N N 1   
DA  P      P N N 2   
DA  OP1    O N N 3   
DA  OP2    O N N 4   
DA  "O5'"  O N N 5   
DA  "C5'"  C N N 6   
DA  "C4'"  C N R 7   
DA  "O4'"  O N N 8   
DA  "C3'"  C N S 9   
DA  "O3'"  O N N 10  
DA  "C2'"  C N N 11  
DA  "C1'"  C N R 12  
DA  N9     N Y N 13  
DA  C8     C Y N 14  
DA  N7     N Y N 15  
DA  C5     C Y N 16  
DA  C6     C Y N 17  
DA  N6     N N N 18  
DA  N1     N Y N 19  
DA  C2     C Y N 20  
DA  N3     N Y N 21  
DA  C4     C Y N 22  
DA  HOP3   H N N 23  
DA  HOP2   H N N 24  
DA  "H5'"  H N N 25  
DA  "H5''" H N N 26  
DA  "H4'"  H N N 27  
DA  "H3'"  H N N 28  
DA  "HO3'" H N N 29  
DA  "H2'"  H N N 30  
DA  "H2''" H N N 31  
DA  "H1'"  H N N 32  
DA  H8     H N N 33  
DA  H61    H N N 34  
DA  H62    H N N 35  
DA  H2     H N N 36  
DC  OP3    O N N 37  
DC  P      P N N 38  
DC  OP1    O N N 39  
DC  OP2    O N N 40  
DC  "O5'"  O N N 41  
DC  "C5'"  C N N 42  
DC  "C4'"  C N R 43  
DC  "O4'"  O N N 44  
DC  "C3'"  C N S 45  
DC  "O3'"  O N N 46  
DC  "C2'"  C N N 47  
DC  "C1'"  C N R 48  
DC  N1     N N N 49  
DC  C2     C N N 50  
DC  O2     O N N 51  
DC  N3     N N N 52  
DC  C4     C N N 53  
DC  N4     N N N 54  
DC  C5     C N N 55  
DC  C6     C N N 56  
DC  HOP3   H N N 57  
DC  HOP2   H N N 58  
DC  "H5'"  H N N 59  
DC  "H5''" H N N 60  
DC  "H4'"  H N N 61  
DC  "H3'"  H N N 62  
DC  "HO3'" H N N 63  
DC  "H2'"  H N N 64  
DC  "H2''" H N N 65  
DC  "H1'"  H N N 66  
DC  H41    H N N 67  
DC  H42    H N N 68  
DC  H5     H N N 69  
DC  H6     H N N 70  
DG  OP3    O N N 71  
DG  P      P N N 72  
DG  OP1    O N N 73  
DG  OP2    O N N 74  
DG  "O5'"  O N N 75  
DG  "C5'"  C N N 76  
DG  "C4'"  C N R 77  
DG  "O4'"  O N N 78  
DG  "C3'"  C N S 79  
DG  "O3'"  O N N 80  
DG  "C2'"  C N N 81  
DG  "C1'"  C N R 82  
DG  N9     N Y N 83  
DG  C8     C Y N 84  
DG  N7     N Y N 85  
DG  C5     C Y N 86  
DG  C6     C N N 87  
DG  O6     O N N 88  
DG  N1     N N N 89  
DG  C2     C N N 90  
DG  N2     N N N 91  
DG  N3     N N N 92  
DG  C4     C Y N 93  
DG  HOP3   H N N 94  
DG  HOP2   H N N 95  
DG  "H5'"  H N N 96  
DG  "H5''" H N N 97  
DG  "H4'"  H N N 98  
DG  "H3'"  H N N 99  
DG  "HO3'" H N N 100 
DG  "H2'"  H N N 101 
DG  "H2''" H N N 102 
DG  "H1'"  H N N 103 
DG  H8     H N N 104 
DG  H1     H N N 105 
DG  H21    H N N 106 
DG  H22    H N N 107 
DT  OP3    O N N 108 
DT  P      P N N 109 
DT  OP1    O N N 110 
DT  OP2    O N N 111 
DT  "O5'"  O N N 112 
DT  "C5'"  C N N 113 
DT  "C4'"  C N R 114 
DT  "O4'"  O N N 115 
DT  "C3'"  C N S 116 
DT  "O3'"  O N N 117 
DT  "C2'"  C N N 118 
DT  "C1'"  C N R 119 
DT  N1     N N N 120 
DT  C2     C N N 121 
DT  O2     O N N 122 
DT  N3     N N N 123 
DT  C4     C N N 124 
DT  O4     O N N 125 
DT  C5     C N N 126 
DT  C7     C N N 127 
DT  C6     C N N 128 
DT  HOP3   H N N 129 
DT  HOP2   H N N 130 
DT  "H5'"  H N N 131 
DT  "H5''" H N N 132 
DT  "H4'"  H N N 133 
DT  "H3'"  H N N 134 
DT  "HO3'" H N N 135 
DT  "H2'"  H N N 136 
DT  "H2''" H N N 137 
DT  "H1'"  H N N 138 
DT  H3     H N N 139 
DT  H71    H N N 140 
DT  H72    H N N 141 
DT  H73    H N N 142 
DT  H6     H N N 143 
HND C1     C N N 144 
HND C2     C N N 145 
HND C3     C N N 146 
HND C4     C N S 147 
HND C5     C N N 148 
HND C6     C N N 149 
HND C7     C N N 150 
HND C8     C N N 151 
HND C9     C N N 152 
HND O10    O N N 153 
HND O11    O N N 154 
HND H2     H N N 155 
HND H3     H N N 156 
HND H4     H N N 157 
HND H5     H N N 158 
HND H5A    H N N 159 
HND HO10   H N N 160 
HND H6     H N N 161 
HND H6A    H N N 162 
HND H7     H N N 163 
HND H7A    H N N 164 
HND H8     H N N 165 
HND H8A    H N N 166 
HND H9     H N N 167 
HND H9A    H N N 168 
HND H9B    H N N 169 
HND H1     H N N 170 
HND HO11   H N N 171 
HND H2A    H N N 172 
HND H1A    H N N 173 
HND H3A    H N N 174 
# 
loop_
_chem_comp_bond.comp_id 
_chem_comp_bond.atom_id_1 
_chem_comp_bond.atom_id_2 
_chem_comp_bond.value_order 
_chem_comp_bond.pdbx_aromatic_flag 
_chem_comp_bond.pdbx_stereo_config 
_chem_comp_bond.pdbx_ordinal 
DA  OP3   P      sing N N 1   
DA  OP3   HOP3   sing N N 2   
DA  P     OP1    doub N N 3   
DA  P     OP2    sing N N 4   
DA  P     "O5'"  sing N N 5   
DA  OP2   HOP2   sing N N 6   
DA  "O5'" "C5'"  sing N N 7   
DA  "C5'" "C4'"  sing N N 8   
DA  "C5'" "H5'"  sing N N 9   
DA  "C5'" "H5''" sing N N 10  
DA  "C4'" "O4'"  sing N N 11  
DA  "C4'" "C3'"  sing N N 12  
DA  "C4'" "H4'"  sing N N 13  
DA  "O4'" "C1'"  sing N N 14  
DA  "C3'" "O3'"  sing N N 15  
DA  "C3'" "C2'"  sing N N 16  
DA  "C3'" "H3'"  sing N N 17  
DA  "O3'" "HO3'" sing N N 18  
DA  "C2'" "C1'"  sing N N 19  
DA  "C2'" "H2'"  sing N N 20  
DA  "C2'" "H2''" sing N N 21  
DA  "C1'" N9     sing N N 22  
DA  "C1'" "H1'"  sing N N 23  
DA  N9    C8     sing Y N 24  
DA  N9    C4     sing Y N 25  
DA  C8    N7     doub Y N 26  
DA  C8    H8     sing N N 27  
DA  N7    C5     sing Y N 28  
DA  C5    C6     sing Y N 29  
DA  C5    C4     doub Y N 30  
DA  C6    N6     sing N N 31  
DA  C6    N1     doub Y N 32  
DA  N6    H61    sing N N 33  
DA  N6    H62    sing N N 34  
DA  N1    C2     sing Y N 35  
DA  C2    N3     doub Y N 36  
DA  C2    H2     sing N N 37  
DA  N3    C4     sing Y N 38  
DC  OP3   P      sing N N 39  
DC  OP3   HOP3   sing N N 40  
DC  P     OP1    doub N N 41  
DC  P     OP2    sing N N 42  
DC  P     "O5'"  sing N N 43  
DC  OP2   HOP2   sing N N 44  
DC  "O5'" "C5'"  sing N N 45  
DC  "C5'" "C4'"  sing N N 46  
DC  "C5'" "H5'"  sing N N 47  
DC  "C5'" "H5''" sing N N 48  
DC  "C4'" "O4'"  sing N N 49  
DC  "C4'" "C3'"  sing N N 50  
DC  "C4'" "H4'"  sing N N 51  
DC  "O4'" "C1'"  sing N N 52  
DC  "C3'" "O3'"  sing N N 53  
DC  "C3'" "C2'"  sing N N 54  
DC  "C3'" "H3'"  sing N N 55  
DC  "O3'" "HO3'" sing N N 56  
DC  "C2'" "C1'"  sing N N 57  
DC  "C2'" "H2'"  sing N N 58  
DC  "C2'" "H2''" sing N N 59  
DC  "C1'" N1     sing N N 60  
DC  "C1'" "H1'"  sing N N 61  
DC  N1    C2     sing N N 62  
DC  N1    C6     sing N N 63  
DC  C2    O2     doub N N 64  
DC  C2    N3     sing N N 65  
DC  N3    C4     doub N N 66  
DC  C4    N4     sing N N 67  
DC  C4    C5     sing N N 68  
DC  N4    H41    sing N N 69  
DC  N4    H42    sing N N 70  
DC  C5    C6     doub N N 71  
DC  C5    H5     sing N N 72  
DC  C6    H6     sing N N 73  
DG  OP3   P      sing N N 74  
DG  OP3   HOP3   sing N N 75  
DG  P     OP1    doub N N 76  
DG  P     OP2    sing N N 77  
DG  P     "O5'"  sing N N 78  
DG  OP2   HOP2   sing N N 79  
DG  "O5'" "C5'"  sing N N 80  
DG  "C5'" "C4'"  sing N N 81  
DG  "C5'" "H5'"  sing N N 82  
DG  "C5'" "H5''" sing N N 83  
DG  "C4'" "O4'"  sing N N 84  
DG  "C4'" "C3'"  sing N N 85  
DG  "C4'" "H4'"  sing N N 86  
DG  "O4'" "C1'"  sing N N 87  
DG  "C3'" "O3'"  sing N N 88  
DG  "C3'" "C2'"  sing N N 89  
DG  "C3'" "H3'"  sing N N 90  
DG  "O3'" "HO3'" sing N N 91  
DG  "C2'" "C1'"  sing N N 92  
DG  "C2'" "H2'"  sing N N 93  
DG  "C2'" "H2''" sing N N 94  
DG  "C1'" N9     sing N N 95  
DG  "C1'" "H1'"  sing N N 96  
DG  N9    C8     sing Y N 97  
DG  N9    C4     sing Y N 98  
DG  C8    N7     doub Y N 99  
DG  C8    H8     sing N N 100 
DG  N7    C5     sing Y N 101 
DG  C5    C6     sing N N 102 
DG  C5    C4     doub Y N 103 
DG  C6    O6     doub N N 104 
DG  C6    N1     sing N N 105 
DG  N1    C2     sing N N 106 
DG  N1    H1     sing N N 107 
DG  C2    N2     sing N N 108 
DG  C2    N3     doub N N 109 
DG  N2    H21    sing N N 110 
DG  N2    H22    sing N N 111 
DG  N3    C4     sing N N 112 
DT  OP3   P      sing N N 113 
DT  OP3   HOP3   sing N N 114 
DT  P     OP1    doub N N 115 
DT  P     OP2    sing N N 116 
DT  P     "O5'"  sing N N 117 
DT  OP2   HOP2   sing N N 118 
DT  "O5'" "C5'"  sing N N 119 
DT  "C5'" "C4'"  sing N N 120 
DT  "C5'" "H5'"  sing N N 121 
DT  "C5'" "H5''" sing N N 122 
DT  "C4'" "O4'"  sing N N 123 
DT  "C4'" "C3'"  sing N N 124 
DT  "C4'" "H4'"  sing N N 125 
DT  "O4'" "C1'"  sing N N 126 
DT  "C3'" "O3'"  sing N N 127 
DT  "C3'" "C2'"  sing N N 128 
DT  "C3'" "H3'"  sing N N 129 
DT  "O3'" "HO3'" sing N N 130 
DT  "C2'" "C1'"  sing N N 131 
DT  "C2'" "H2'"  sing N N 132 
DT  "C2'" "H2''" sing N N 133 
DT  "C1'" N1     sing N N 134 
DT  "C1'" "H1'"  sing N N 135 
DT  N1    C2     sing N N 136 
DT  N1    C6     sing N N 137 
DT  C2    O2     doub N N 138 
DT  C2    N3     sing N N 139 
DT  N3    C4     sing N N 140 
DT  N3    H3     sing N N 141 
DT  C4    O4     doub N N 142 
DT  C4    C5     sing N N 143 
DT  C5    C7     sing N N 144 
DT  C5    C6     doub N N 145 
DT  C7    H71    sing N N 146 
DT  C7    H72    sing N N 147 
DT  C7    H73    sing N N 148 
DT  C6    H6     sing N N 149 
HND H1    C1     sing N N 150 
HND C2    C1     sing N N 151 
HND C1    O11    sing N N 152 
HND C1    H1A    sing N N 153 
HND H2    C2     sing N N 154 
HND H2A   C2     sing N N 155 
HND C2    C3     sing N N 156 
HND C4    C3     sing N N 157 
HND C3    H3     sing N N 158 
HND C3    H3A    sing N N 159 
HND H4    C4     sing N N 160 
HND C5    C4     sing N N 161 
HND C4    O10    sing N N 162 
HND H5A   C5     sing N N 163 
HND C6    C5     sing N N 164 
HND C5    H5     sing N N 165 
HND C7    C6     sing N N 166 
HND H6    C6     sing N N 167 
HND C6    H6A    sing N N 168 
HND H7    C7     sing N N 169 
HND H7A   C7     sing N N 170 
HND C7    C8     sing N N 171 
HND C9    C8     sing N N 172 
HND C8    H8     sing N N 173 
HND C8    H8A    sing N N 174 
HND H9    C9     sing N N 175 
HND H9A   C9     sing N N 176 
HND C9    H9B    sing N N 177 
HND HO10  O10    sing N N 178 
HND HO11  O11    sing N N 179 
# 
loop_
_ndb_struct_conf_na.entry_id 
_ndb_struct_conf_na.feature 
2KAS 'double helix'         
2KAS 'b-form double helix'  
2KAS 'mismatched base pair' 
# 
loop_
_ndb_struct_na_base_pair.model_number 
_ndb_struct_na_base_pair.i_label_asym_id 
_ndb_struct_na_base_pair.i_label_comp_id 
_ndb_struct_na_base_pair.i_label_seq_id 
_ndb_struct_na_base_pair.i_symmetry 
_ndb_struct_na_base_pair.j_label_asym_id 
_ndb_struct_na_base_pair.j_label_comp_id 
_ndb_struct_na_base_pair.j_label_seq_id 
_ndb_struct_na_base_pair.j_symmetry 
_ndb_struct_na_base_pair.shear 
_ndb_struct_na_base_pair.stretch 
_ndb_struct_na_base_pair.stagger 
_ndb_struct_na_base_pair.buckle 
_ndb_struct_na_base_pair.propeller 
_ndb_struct_na_base_pair.opening 
_ndb_struct_na_base_pair.pair_number 
_ndb_struct_na_base_pair.pair_name 
_ndb_struct_na_base_pair.i_auth_asym_id 
_ndb_struct_na_base_pair.i_auth_seq_id 
_ndb_struct_na_base_pair.i_PDB_ins_code 
_ndb_struct_na_base_pair.j_auth_asym_id 
_ndb_struct_na_base_pair.j_auth_seq_id 
_ndb_struct_na_base_pair.j_PDB_ins_code 
_ndb_struct_na_base_pair.hbond_type_28 
_ndb_struct_na_base_pair.hbond_type_12 
1 A DG 1  1_555 B DC 12 1_555 -0.570 -0.125 -0.126 -3.214 -4.445  0.761  1  A_DG1:DC24_B  A 1  ? B 24 ? 19 1 
1 A DC 2  1_555 B DG 11 1_555 0.386  -0.136 0.192  0.689  -8.271  -2.599 2  A_DC2:DG23_B  A 2  ? B 23 ? 19 1 
1 A DT 3  1_555 B DA 10 1_555 0.035  -0.047 0.131  -2.049 -15.833 -0.597 3  A_DT3:DA22_B  A 3  ? B 22 ? 20 1 
1 A DA 4  1_555 B DT 9  1_555 0.137  -0.009 0.137  5.439  -8.139  -0.648 4  A_DA4:DT21_B  A 4  ? B 21 ? 20 1 
1 A DG 5  1_555 B DC 8  1_555 -0.382 -0.097 0.450  13.332 -0.026  -1.206 5  A_DG5:DC20_B  A 5  ? B 20 ? 19 1 
1 A DC 6  1_555 B DG 7  1_555 0.311  -0.061 -0.007 19.506 -1.220  -1.021 6  A_DC6:DG19_B  A 6  ? B 19 ? 19 1 
1 A DA 8  1_555 B DT 5  1_555 -4.236 -0.573 1.319  -6.601 1.983   9.895  7  A_DA8:DT17_B  A 8  ? B 17 ? ?  ? 
1 A DG 9  1_555 B DC 4  1_555 -0.626 -0.221 0.434  -0.784 -10.095 -1.289 8  A_DG9:DC16_B  A 9  ? B 16 ? 19 1 
1 A DT 10 1_555 B DA 3  1_555 -0.103 0.019  -0.053 1.255  -9.400  -2.661 9  A_DT10:DA15_B A 10 ? B 15 ? 20 1 
1 A DC 11 1_555 B DG 2  1_555 0.523  -0.172 -0.068 -4.659 -7.700  -0.442 10 A_DC11:DG14_B A 11 ? B 14 ? 19 1 
1 A DC 12 1_555 B DG 1  1_555 0.620  -0.138 0.122  -7.679 1.515   0.517  11 A_DC12:DG13_B A 12 ? B 13 ? 19 1 
# 
loop_
_ndb_struct_na_base_pair_step.model_number 
_ndb_struct_na_base_pair_step.i_label_asym_id_1 
_ndb_struct_na_base_pair_step.i_label_comp_id_1 
_ndb_struct_na_base_pair_step.i_label_seq_id_1 
_ndb_struct_na_base_pair_step.i_symmetry_1 
_ndb_struct_na_base_pair_step.j_label_asym_id_1 
_ndb_struct_na_base_pair_step.j_label_comp_id_1 
_ndb_struct_na_base_pair_step.j_label_seq_id_1 
_ndb_struct_na_base_pair_step.j_symmetry_1 
_ndb_struct_na_base_pair_step.i_label_asym_id_2 
_ndb_struct_na_base_pair_step.i_label_comp_id_2 
_ndb_struct_na_base_pair_step.i_label_seq_id_2 
_ndb_struct_na_base_pair_step.i_symmetry_2 
_ndb_struct_na_base_pair_step.j_label_asym_id_2 
_ndb_struct_na_base_pair_step.j_label_comp_id_2 
_ndb_struct_na_base_pair_step.j_label_seq_id_2 
_ndb_struct_na_base_pair_step.j_symmetry_2 
_ndb_struct_na_base_pair_step.shift 
_ndb_struct_na_base_pair_step.slide 
_ndb_struct_na_base_pair_step.rise 
_ndb_struct_na_base_pair_step.tilt 
_ndb_struct_na_base_pair_step.roll 
_ndb_struct_na_base_pair_step.twist 
_ndb_struct_na_base_pair_step.x_displacement 
_ndb_struct_na_base_pair_step.y_displacement 
_ndb_struct_na_base_pair_step.helical_rise 
_ndb_struct_na_base_pair_step.inclination 
_ndb_struct_na_base_pair_step.tip 
_ndb_struct_na_base_pair_step.helical_twist 
_ndb_struct_na_base_pair_step.step_number 
_ndb_struct_na_base_pair_step.step_name 
_ndb_struct_na_base_pair_step.i_auth_asym_id_1 
_ndb_struct_na_base_pair_step.i_auth_seq_id_1 
_ndb_struct_na_base_pair_step.i_PDB_ins_code_1 
_ndb_struct_na_base_pair_step.j_auth_asym_id_1 
_ndb_struct_na_base_pair_step.j_auth_seq_id_1 
_ndb_struct_na_base_pair_step.j_PDB_ins_code_1 
_ndb_struct_na_base_pair_step.i_auth_asym_id_2 
_ndb_struct_na_base_pair_step.i_auth_seq_id_2 
_ndb_struct_na_base_pair_step.i_PDB_ins_code_2 
_ndb_struct_na_base_pair_step.j_auth_asym_id_2 
_ndb_struct_na_base_pair_step.j_auth_seq_id_2 
_ndb_struct_na_base_pair_step.j_PDB_ins_code_2 
1 A DG 1  1_555 B DC 12 1_555 A DC 2  1_555 B DG 11 1_555 -0.616 -0.296 3.241 -4.050 0.610  32.455 -0.631 0.393  3.285 1.086  
7.210  32.705 1 AA_DG1DC2:DG23DC24_BB   A 1  ? B 24 ? A 2  ? B 23 ? 
1 A DC 2  1_555 B DG 11 1_555 A DT 3  1_555 B DA 10 1_555 0.540  -0.899 3.277 2.033  3.297  30.425 -2.344 -0.624 3.193 6.251  
-3.854 30.665 2 AA_DC2DT3:DA22DG23_BB   A 2  ? B 23 ? A 3  ? B 22 ? 
1 A DT 3  1_555 B DA 10 1_555 A DA 4  1_555 B DT 9  1_555 -0.286 0.069  3.235 -0.688 6.137  38.945 -0.617 0.343  3.213 9.135  
1.024  39.413 3 AA_DT3DA4:DT21DA22_BB   A 3  ? B 22 ? A 4  ? B 21 ? 
1 A DA 4  1_555 B DT 9  1_555 A DG 5  1_555 B DC 8  1_555 -0.091 -0.450 3.094 -3.594 3.035  26.382 -1.710 -0.678 3.009 6.584  
7.795  26.791 4 AA_DA4DG5:DC20DT21_BB   A 4  ? B 21 ? A 5  ? B 20 ? 
1 A DG 5  1_555 B DC 8  1_555 A DC 6  1_555 B DG 7  1_555 0.224  -0.309 3.210 2.733  1.338  38.584 -0.628 -0.008 3.206 2.021  
-4.129 38.700 5 AA_DG5DC6:DG19DC20_BB   A 5  ? B 20 ? A 6  ? B 19 ? 
1 A DA 8  1_555 B DT 5  1_555 A DG 9  1_555 B DC 4  1_555 -1.220 -0.330 3.279 1.052  8.984  46.489 -1.135 1.604  3.140 11.257 
-1.318 47.313 6 AA_DA8DG9:DC16DT17_BB   A 8  ? B 17 ? A 9  ? B 16 ? 
1 A DG 9  1_555 B DC 4  1_555 A DT 10 1_555 B DA 3  1_555 -0.267 -0.647 3.233 3.514  3.584  32.869 -1.715 1.040  3.102 6.287  
-6.166 33.240 7 AA_DG9DT10:DA15DC16_BB  A 9  ? B 16 ? A 10 ? B 15 ? 
1 A DT 10 1_555 B DA 3  1_555 A DC 11 1_555 B DG 2  1_555 0.391  -0.764 3.380 0.785  2.871  37.286 -1.579 -0.504 3.322 4.482  
-1.226 37.400 8 AA_DT10DC11:DG14DA15_BB A 10 ? B 15 ? A 11 ? B 14 ? 
1 A DC 11 1_555 B DG 2  1_555 A DC 12 1_555 B DG 1  1_555 0.275  -1.413 3.446 -1.304 -0.023 36.853 -2.230 -0.621 3.436 -0.037 
2.062  36.875 9 AA_DC11DC12:DG13DG14_BB A 11 ? B 14 ? A 12 ? B 13 ? 
# 
_pdbx_nmr_spectrometer.field_strength    800 
_pdbx_nmr_spectrometer.manufacturer      Bruker 
_pdbx_nmr_spectrometer.model             AVANCE 
_pdbx_nmr_spectrometer.spectrometer_id   1 
_pdbx_nmr_spectrometer.type              'Bruker Avance' 
# 
_atom_sites.entry_id                    2KAS 
_atom_sites.fract_transf_matrix[1][1]   1.000000 
_atom_sites.fract_transf_matrix[1][2]   0.000000 
_atom_sites.fract_transf_matrix[1][3]   0.000000 
_atom_sites.fract_transf_matrix[2][1]   0.000000 
_atom_sites.fract_transf_matrix[2][2]   1.000000 
_atom_sites.fract_transf_matrix[2][3]   0.000000 
_atom_sites.fract_transf_matrix[3][1]   0.000000 
_atom_sites.fract_transf_matrix[3][2]   0.000000 
_atom_sites.fract_transf_matrix[3][3]   1.000000 
_atom_sites.fract_transf_vector[1]      0.00000 
_atom_sites.fract_transf_vector[2]      0.00000 
_atom_sites.fract_transf_vector[3]      0.00000 
# 
loop_
_atom_type.symbol 
C 
H 
N 
O 
P 
# 
loop_
_atom_site.group_PDB 
_atom_site.id 
_atom_site.type_symbol 
_atom_site.label_atom_id 
_atom_site.label_alt_id 
_atom_site.label_comp_id 
_atom_site.label_asym_id 
_atom_site.label_entity_id 
_atom_site.label_seq_id 
_atom_site.pdbx_PDB_ins_code 
_atom_site.Cartn_x 
_atom_site.Cartn_y 
_atom_site.Cartn_z 
_atom_site.occupancy 
_atom_site.B_iso_or_equiv 
_atom_site.pdbx_formal_charge 
_atom_site.auth_seq_id 
_atom_site.auth_comp_id 
_atom_site.auth_asym_id 
_atom_site.auth_atom_id 
_atom_site.pdbx_PDB_model_num 
ATOM   1   O "O5'"  . DG  A 1 1  ? 0.358   -22.418 8.009   1.00 0.00 ? 1  DG  A "O5'"  1 
ATOM   2   C "C5'"  . DG  A 1 1  ? 0.907   -21.475 7.062   1.00 0.00 ? 1  DG  A "C5'"  1 
ATOM   3   C "C4'"  . DG  A 1 1  ? 0.093   -21.475 5.751   1.00 0.00 ? 1  DG  A "C4'"  1 
ATOM   4   O "O4'"  . DG  A 1 1  ? -1.197  -20.911 5.975   1.00 0.00 ? 1  DG  A "O4'"  1 
ATOM   5   C "C3'"  . DG  A 1 1  ? 0.748   -20.623 4.650   1.00 0.00 ? 1  DG  A "C3'"  1 
ATOM   6   O "O3'"  . DG  A 1 1  ? 0.392   -21.172 3.385   1.00 0.00 ? 1  DG  A "O3'"  1 
ATOM   7   C "C2'"  . DG  A 1 1  ? 0.162   -19.237 4.949   1.00 0.00 ? 1  DG  A "C2'"  1 
ATOM   8   C "C1'"  . DG  A 1 1  ? -1.215  -19.550 5.559   1.00 0.00 ? 1  DG  A "C1'"  1 
ATOM   9   N N9     . DG  A 1 1  ? -1.583  -18.681 6.707   1.00 0.00 ? 1  DG  A N9     1 
ATOM   10  C C8     . DG  A 1 1  ? -0.785  -18.143 7.694   1.00 0.00 ? 1  DG  A C8     1 
ATOM   11  N N7     . DG  A 1 1  ? -1.429  -17.444 8.590   1.00 0.00 ? 1  DG  A N7     1 
ATOM   12  C C5     . DG  A 1 1  ? -2.762  -17.505 8.160   1.00 0.00 ? 1  DG  A C5     1 
ATOM   13  C C6     . DG  A 1 1  ? -3.971  -16.943 8.709   1.00 0.00 ? 1  DG  A C6     1 
ATOM   14  O O6     . DG  A 1 1  ? -4.129  -16.279 9.736   1.00 0.00 ? 1  DG  A O6     1 
ATOM   15  N N1     . DG  A 1 1  ? -5.095  -17.219 7.957   1.00 0.00 ? 1  DG  A N1     1 
ATOM   16  C C2     . DG  A 1 1  ? -5.078  -17.960 6.821   1.00 0.00 ? 1  DG  A C2     1 
ATOM   17  N N2     . DG  A 1 1  ? -6.213  -18.140 6.205   1.00 0.00 ? 1  DG  A N2     1 
ATOM   18  N N3     . DG  A 1 1  ? -3.995  -18.516 6.287   1.00 0.00 ? 1  DG  A N3     1 
ATOM   19  C C4     . DG  A 1 1  ? -2.859  -18.251 7.002   1.00 0.00 ? 1  DG  A C4     1 
ATOM   20  H "H5'"  . DG  A 1 1  ? 1.939   -21.755 6.836   1.00 0.00 ? 1  DG  A "H5'"  1 
ATOM   21  H "H5''" . DG  A 1 1  ? 0.912   -20.473 7.494   1.00 0.00 ? 1  DG  A "H5''" 1 
ATOM   22  H "H4'"  . DG  A 1 1  ? -0.003  -22.506 5.403   1.00 0.00 ? 1  DG  A "H4'"  1 
ATOM   23  H "H3'"  . DG  A 1 1  ? 1.835   -20.609 4.758   1.00 0.00 ? 1  DG  A "H3'"  1 
ATOM   24  H "H2'"  . DG  A 1 1  ? 0.815   -18.727 5.654   1.00 0.00 ? 1  DG  A "H2'"  1 
ATOM   25  H "H2''" . DG  A 1 1  ? 0.073   -18.614 4.063   1.00 0.00 ? 1  DG  A "H2''" 1 
ATOM   26  H "H1'"  . DG  A 1 1  ? -1.972  -19.435 4.776   1.00 0.00 ? 1  DG  A "H1'"  1 
ATOM   27  H H8     . DG  A 1 1  ? 0.285   -18.302 7.736   1.00 0.00 ? 1  DG  A H8     1 
ATOM   28  H H1     . DG  A 1 1  ? -5.970  -16.838 8.282   1.00 0.00 ? 1  DG  A H1     1 
ATOM   29  H H21    . DG  A 1 1  ? -6.207  -18.661 5.345   1.00 0.00 ? 1  DG  A H21    1 
ATOM   30  H H22    . DG  A 1 1  ? -7.060  -17.703 6.560   1.00 0.00 ? 1  DG  A H22    1 
ATOM   31  H "HO5'" . DG  A 1 1  ? -0.597  -22.241 8.145   1.00 0.00 ? 1  DG  A "HO5'" 1 
ATOM   32  P P      . DC  A 1 2  ? 0.729   -20.465 1.976   1.00 0.00 ? 2  DC  A P      1 
ATOM   33  O OP1    . DC  A 1 2  ? 0.830   -21.527 0.944   1.00 0.00 ? 2  DC  A OP1    1 
ATOM   34  O OP2    . DC  A 1 2  ? 1.867   -19.528 2.155   1.00 0.00 ? 2  DC  A OP2    1 
ATOM   35  O "O5'"  . DC  A 1 2  ? -0.611  -19.610 1.707   1.00 0.00 ? 2  DC  A "O5'"  1 
ATOM   36  C "C5'"  . DC  A 1 2  ? -1.862  -20.266 1.519   1.00 0.00 ? 2  DC  A "C5'"  1 
ATOM   37  C "C4'"  . DC  A 1 2  ? -3.048  -19.292 1.407   1.00 0.00 ? 2  DC  A "C4'"  1 
ATOM   38  O "O4'"  . DC  A 1 2  ? -3.266  -18.628 2.647   1.00 0.00 ? 2  DC  A "O4'"  1 
ATOM   39  C "C3'"  . DC  A 1 2  ? -2.876  -18.229 0.303   1.00 0.00 ? 2  DC  A "C3'"  1 
ATOM   40  O "O3'"  . DC  A 1 2  ? -3.940  -18.355 -0.635  1.00 0.00 ? 2  DC  A "O3'"  1 
ATOM   41  C "C2'"  . DC  A 1 2  ? -2.905  -16.916 1.098   1.00 0.00 ? 2  DC  A "C2'"  1 
ATOM   42  C "C1'"  . DC  A 1 2  ? -3.661  -17.295 2.379   1.00 0.00 ? 2  DC  A "C1'"  1 
ATOM   43  N N1     . DC  A 1 2  ? -3.310  -16.442 3.552   1.00 0.00 ? 2  DC  A N1     1 
ATOM   44  C C2     . DC  A 1 2  ? -4.321  -15.772 4.258   1.00 0.00 ? 2  DC  A C2     1 
ATOM   45  O O2     . DC  A 1 2  ? -5.504  -15.797 3.913   1.00 0.00 ? 2  DC  A O2     1 
ATOM   46  N N3     . DC  A 1 2  ? -4.027  -15.049 5.366   1.00 0.00 ? 2  DC  A N3     1 
ATOM   47  C C4     . DC  A 1 2  ? -2.774  -14.989 5.763   1.00 0.00 ? 2  DC  A C4     1 
ATOM   48  N N4     . DC  A 1 2  ? -2.554  -14.324 6.859   1.00 0.00 ? 2  DC  A N4     1 
ATOM   49  C C5     . DC  A 1 2  ? -1.702  -15.631 5.089   1.00 0.00 ? 2  DC  A C5     1 
ATOM   50  C C6     . DC  A 1 2  ? -2.008  -16.350 3.982   1.00 0.00 ? 2  DC  A C6     1 
ATOM   51  H "H5'"  . DC  A 1 2  ? -2.052  -20.940 2.356   1.00 0.00 ? 2  DC  A "H5'"  1 
ATOM   52  H "H5''" . DC  A 1 2  ? -1.820  -20.864 0.607   1.00 0.00 ? 2  DC  A "H5''" 1 
ATOM   53  H "H4'"  . DC  A 1 2  ? -3.939  -19.879 1.176   1.00 0.00 ? 2  DC  A "H4'"  1 
ATOM   54  H "H3'"  . DC  A 1 2  ? -1.912  -18.346 -0.195  1.00 0.00 ? 2  DC  A "H3'"  1 
ATOM   55  H "H2'"  . DC  A 1 2  ? -1.880  -16.619 1.312   1.00 0.00 ? 2  DC  A "H2'"  1 
ATOM   56  H "H2''" . DC  A 1 2  ? -3.403  -16.109 0.569   1.00 0.00 ? 2  DC  A "H2''" 1 
ATOM   57  H "H1'"  . DC  A 1 2  ? -4.737  -17.258 2.177   1.00 0.00 ? 2  DC  A "H1'"  1 
ATOM   58  H H41    . DC  A 1 2  ? -1.622  -14.254 7.222   1.00 0.00 ? 2  DC  A H41    1 
ATOM   59  H H42    . DC  A 1 2  ? -3.354  -13.917 7.333   1.00 0.00 ? 2  DC  A H42    1 
ATOM   60  H H5     . DC  A 1 2  ? -0.681  -15.569 5.430   1.00 0.00 ? 2  DC  A H5     1 
ATOM   61  H H6     . DC  A 1 2  ? -1.234  -16.875 3.434   1.00 0.00 ? 2  DC  A H6     1 
ATOM   62  P P      . DT  A 1 3  ? -4.022  -17.481 -1.993  1.00 0.00 ? 3  DT  A P      1 
ATOM   63  O OP1    . DT  A 1 3  ? -4.848  -18.234 -2.970  1.00 0.00 ? 3  DT  A OP1    1 
ATOM   64  O OP2    . DT  A 1 3  ? -2.653  -17.060 -2.384  1.00 0.00 ? 3  DT  A OP2    1 
ATOM   65  O "O5'"  . DT  A 1 3  ? -4.842  -16.175 -1.531  1.00 0.00 ? 3  DT  A "O5'"  1 
ATOM   66  C "C5'"  . DT  A 1 3  ? -6.198  -16.275 -1.108  1.00 0.00 ? 3  DT  A "C5'"  1 
ATOM   67  C "C4'"  . DT  A 1 3  ? -6.678  -15.010 -0.378  1.00 0.00 ? 3  DT  A "C4'"  1 
ATOM   68  O "O4'"  . DT  A 1 3  ? -5.949  -14.812 0.823   1.00 0.00 ? 3  DT  A "O4'"  1 
ATOM   69  C "C3'"  . DT  A 1 3  ? -6.563  -13.711 -1.200  1.00 0.00 ? 3  DT  A "C3'"  1 
ATOM   70  O "O3'"  . DT  A 1 3  ? -7.831  -13.359 -1.744  1.00 0.00 ? 3  DT  A "O3'"  1 
ATOM   71  C "C2'"  . DT  A 1 3  ? -6.051  -12.697 -0.166  1.00 0.00 ? 3  DT  A "C2'"  1 
ATOM   72  C "C1'"  . DT  A 1 3  ? -6.106  -13.451 1.166   1.00 0.00 ? 3  DT  A "C1'"  1 
ATOM   73  N N1     . DT  A 1 3  ? -5.040  -13.000 2.098   1.00 0.00 ? 3  DT  A N1     1 
ATOM   74  C C2     . DT  A 1 3  ? -5.408  -12.222 3.201   1.00 0.00 ? 3  DT  A C2     1 
ATOM   75  O O2     . DT  A 1 3  ? -6.558  -11.846 3.430   1.00 0.00 ? 3  DT  A O2     1 
ATOM   76  N N3     . DT  A 1 3  ? -4.400  -11.849 4.055   1.00 0.00 ? 3  DT  A N3     1 
ATOM   77  C C4     . DT  A 1 3  ? -3.062  -12.121 3.893   1.00 0.00 ? 3  DT  A C4     1 
ATOM   78  O O4     . DT  A 1 3  ? -2.276  -11.724 4.751   1.00 0.00 ? 3  DT  A O4     1 
ATOM   79  C C5     . DT  A 1 3  ? -2.730  -12.870 2.679   1.00 0.00 ? 3  DT  A C5     1 
ATOM   80  C C7     . DT  A 1 3  ? -1.283  -13.189 2.344   1.00 0.00 ? 3  DT  A C7     1 
ATOM   81  C C6     . DT  A 1 3  ? -3.714  -13.282 1.837   1.00 0.00 ? 3  DT  A C6     1 
ATOM   82  H "H5'"  . DT  A 1 3  ? -6.310  -17.120 -0.427  1.00 0.00 ? 3  DT  A "H5'"  1 
ATOM   83  H "H5''" . DT  A 1 3  ? -6.838  -16.449 -1.976  1.00 0.00 ? 3  DT  A "H5''" 1 
ATOM   84  H "H4'"  . DT  A 1 3  ? -7.729  -15.152 -0.118  1.00 0.00 ? 3  DT  A "H4'"  1 
ATOM   85  H "H3'"  . DT  A 1 3  ? -5.822  -13.833 -1.992  1.00 0.00 ? 3  DT  A "H3'"  1 
ATOM   86  H "H2'"  . DT  A 1 3  ? -5.031  -12.412 -0.418  1.00 0.00 ? 3  DT  A "H2'"  1 
ATOM   87  H "H2''" . DT  A 1 3  ? -6.672  -11.808 -0.106  1.00 0.00 ? 3  DT  A "H2''" 1 
ATOM   88  H "H1'"  . DT  A 1 3  ? -7.094  -13.305 1.616   1.00 0.00 ? 3  DT  A "H1'"  1 
ATOM   89  H H3     . DT  A 1 3  ? -4.667  -11.301 4.858   1.00 0.00 ? 3  DT  A H3     1 
ATOM   90  H H71    . DT  A 1 3  ? -0.832  -13.743 3.165   1.00 0.00 ? 3  DT  A H71    1 
ATOM   91  H H72    . DT  A 1 3  ? -0.730  -12.260 2.215   1.00 0.00 ? 3  DT  A H72    1 
ATOM   92  H H73    . DT  A 1 3  ? -1.212  -13.780 1.431   1.00 0.00 ? 3  DT  A H73    1 
ATOM   93  H H6     . DT  A 1 3  ? -3.465  -13.835 0.939   1.00 0.00 ? 3  DT  A H6     1 
ATOM   94  P P      . DA  A 1 4  ? -8.049  -12.077 -2.703  1.00 0.00 ? 4  DA  A P      1 
ATOM   95  O OP1    . DA  A 1 4  ? -9.190  -12.372 -3.602  1.00 0.00 ? 4  DA  A OP1    1 
ATOM   96  O OP2    . DA  A 1 4  ? -6.747  -11.691 -3.304  1.00 0.00 ? 4  DA  A OP2    1 
ATOM   97  O "O5'"  . DA  A 1 4  ? -8.492  -10.907 -1.686  1.00 0.00 ? 4  DA  A "O5'"  1 
ATOM   98  C "C5'"  . DA  A 1 4  ? -9.677  -11.028 -0.903  1.00 0.00 ? 4  DA  A "C5'"  1 
ATOM   99  C "C4'"  . DA  A 1 4  ? -10.007 -9.769  -0.077  1.00 0.00 ? 4  DA  A "C4'"  1 
ATOM   100 O "O4'"  . DA  A 1 4  ? -9.043  -9.574  0.951   1.00 0.00 ? 4  DA  A "O4'"  1 
ATOM   101 C "C3'"  . DA  A 1 4  ? -10.078 -8.487  -0.926  1.00 0.00 ? 4  DA  A "C3'"  1 
ATOM   102 O "O3'"  . DA  A 1 4  ? -11.179 -7.695  -0.492  1.00 0.00 ? 4  DA  A "O3'"  1 
ATOM   103 C "C2'"  . DA  A 1 4  ? -8.713  -7.847  -0.655  1.00 0.00 ? 4  DA  A "C2'"  1 
ATOM   104 C "C1'"  . DA  A 1 4  ? -8.393  -8.324  0.768   1.00 0.00 ? 4  DA  A "C1'"  1 
ATOM   105 N N9     . DA  A 1 4  ? -6.947  -8.529  1.023   1.00 0.00 ? 4  DA  A N9     1 
ATOM   106 C C8     . DA  A 1 4  ? -6.018  -9.185  0.247   1.00 0.00 ? 4  DA  A C8     1 
ATOM   107 N N7     . DA  A 1 4  ? -4.843  -9.328  0.808   1.00 0.00 ? 4  DA  A N7     1 
ATOM   108 C C5     . DA  A 1 4  ? -5.007  -8.667  2.038   1.00 0.00 ? 4  DA  A C5     1 
ATOM   109 C C6     . DA  A 1 4  ? -4.173  -8.408  3.156   1.00 0.00 ? 4  DA  A C6     1 
ATOM   110 N N6     . DA  A 1 4  ? -2.920  -8.804  3.274   1.00 0.00 ? 4  DA  A N6     1 
ATOM   111 N N1     . DA  A 1 4  ? -4.620  -7.714  4.203   1.00 0.00 ? 4  DA  A N1     1 
ATOM   112 C C2     . DA  A 1 4  ? -5.874  -7.282  4.182   1.00 0.00 ? 4  DA  A C2     1 
ATOM   113 N N3     . DA  A 1 4  ? -6.776  -7.457  3.223   1.00 0.00 ? 4  DA  A N3     1 
ATOM   114 C C4     . DA  A 1 4  ? -6.275  -8.164  2.168   1.00 0.00 ? 4  DA  A C4     1 
ATOM   115 H "H5'"  . DA  A 1 4  ? -9.577  -11.875 -0.222  1.00 0.00 ? 4  DA  A "H5'"  1 
ATOM   116 H "H5''" . DA  A 1 4  ? -10.522 -11.226 -1.565  1.00 0.00 ? 4  DA  A "H5''" 1 
ATOM   117 H "H4'"  . DA  A 1 4  ? -10.982 -9.930  0.388   1.00 0.00 ? 4  DA  A "H4'"  1 
ATOM   118 H "H3'"  . DA  A 1 4  ? -10.182 -8.739  -1.984  1.00 0.00 ? 4  DA  A "H3'"  1 
ATOM   119 H "H2'"  . DA  A 1 4  ? -7.992  -8.234  -1.374  1.00 0.00 ? 4  DA  A "H2'"  1 
ATOM   120 H "H2''" . DA  A 1 4  ? -8.738  -6.762  -0.722  1.00 0.00 ? 4  DA  A "H2''" 1 
ATOM   121 H "H1'"  . DA  A 1 4  ? -8.795  -7.597  1.481   1.00 0.00 ? 4  DA  A "H1'"  1 
ATOM   122 H H8     . DA  A 1 4  ? -6.261  -9.587  -0.731  1.00 0.00 ? 4  DA  A H8     1 
ATOM   123 H H61    . DA  A 1 4  ? -2.481  -9.289  2.510   1.00 0.00 ? 4  DA  A H61    1 
ATOM   124 H H62    . DA  A 1 4  ? -2.412  -8.588  4.126   1.00 0.00 ? 4  DA  A H62    1 
ATOM   125 H H2     . DA  A 1 4  ? -6.201  -6.725  5.050   1.00 0.00 ? 4  DA  A H2     1 
ATOM   126 P P      . DG  A 1 5  ? -11.677 -6.385  -1.291  1.00 0.00 ? 5  DG  A P      1 
ATOM   127 O OP1    . DG  A 1 5  ? -13.126 -6.212  -1.019  1.00 0.00 ? 5  DG  A OP1    1 
ATOM   128 O OP2    . DG  A 1 5  ? -11.223 -6.475  -2.701  1.00 0.00 ? 5  DG  A OP2    1 
ATOM   129 O "O5'"  . DG  A 1 5  ? -10.872 -5.187  -0.579  1.00 0.00 ? 5  DG  A "O5'"  1 
ATOM   130 C "C5'"  . DG  A 1 5  ? -11.223 -4.737  0.725   1.00 0.00 ? 5  DG  A "C5'"  1 
ATOM   131 C "C4'"  . DG  A 1 5  ? -10.261 -3.663  1.267   1.00 0.00 ? 5  DG  A "C4'"  1 
ATOM   132 O "O4'"  . DG  A 1 5  ? -9.022  -4.265  1.631   1.00 0.00 ? 5  DG  A "O4'"  1 
ATOM   133 C "C3'"  . DG  A 1 5  ? -9.969  -2.527  0.262   1.00 0.00 ? 5  DG  A "C3'"  1 
ATOM   134 O "O3'"  . DG  A 1 5  ? -10.087 -1.268  0.920   1.00 0.00 ? 5  DG  A "O3'"  1 
ATOM   135 C "C2'"  . DG  A 1 5  ? -8.529  -2.847  -0.148  1.00 0.00 ? 5  DG  A "C2'"  1 
ATOM   136 C "C1'"  . DG  A 1 5  ? -7.978  -3.434  1.156   1.00 0.00 ? 5  DG  A "C1'"  1 
ATOM   137 N N9     . DG  A 1 5  ? -6.730  -4.219  0.998   1.00 0.00 ? 5  DG  A N9     1 
ATOM   138 C C8     . DG  A 1 5  ? -6.355  -5.048  -0.032  1.00 0.00 ? 5  DG  A C8     1 
ATOM   139 N N7     . DG  A 1 5  ? -5.185  -5.609  0.125   1.00 0.00 ? 5  DG  A N7     1 
ATOM   140 C C5     . DG  A 1 5  ? -4.736  -5.090  1.348   1.00 0.00 ? 5  DG  A C5     1 
ATOM   141 C C6     . DG  A 1 5  ? -3.504  -5.283  2.073   1.00 0.00 ? 5  DG  A C6     1 
ATOM   142 O O6     . DG  A 1 5  ? -2.534  -5.985  1.788   1.00 0.00 ? 5  DG  A O6     1 
ATOM   143 N N1     . DG  A 1 5  ? -3.440  -4.572  3.253   1.00 0.00 ? 5  DG  A N1     1 
ATOM   144 C C2     . DG  A 1 5  ? -4.427  -3.757  3.695   1.00 0.00 ? 5  DG  A C2     1 
ATOM   145 N N2     . DG  A 1 5  ? -4.220  -3.142  4.827   1.00 0.00 ? 5  DG  A N2     1 
ATOM   146 N N3     . DG  A 1 5  ? -5.577  -3.539  3.062   1.00 0.00 ? 5  DG  A N3     1 
ATOM   147 C C4     . DG  A 1 5  ? -5.677  -4.238  1.887   1.00 0.00 ? 5  DG  A C4     1 
ATOM   148 H "H5'"  . DG  A 1 5  ? -11.227 -5.582  1.417   1.00 0.00 ? 5  DG  A "H5'"  1 
ATOM   149 H "H5''" . DG  A 1 5  ? -12.228 -4.314  0.699   1.00 0.00 ? 5  DG  A "H5''" 1 
ATOM   150 H "H4'"  . DG  A 1 5  ? -10.712 -3.228  2.162   1.00 0.00 ? 5  DG  A "H4'"  1 
ATOM   151 H "H3'"  . DG  A 1 5  ? -10.643 -2.577  -0.596  1.00 0.00 ? 5  DG  A "H3'"  1 
ATOM   152 H "H2'"  . DG  A 1 5  ? -8.542  -3.594  -0.941  1.00 0.00 ? 5  DG  A "H2'"  1 
ATOM   153 H "H2''" . DG  A 1 5  ? -7.977  -1.971  -0.475  1.00 0.00 ? 5  DG  A "H2''" 1 
ATOM   154 H "H1'"  . DG  A 1 5  ? -7.806  -2.618  1.865   1.00 0.00 ? 5  DG  A "H1'"  1 
ATOM   155 H H8     . DG  A 1 5  ? -6.985  -5.230  -0.895  1.00 0.00 ? 5  DG  A H8     1 
ATOM   156 H H1     . DG  A 1 5  ? -2.604  -4.674  3.808   1.00 0.00 ? 5  DG  A H1     1 
ATOM   157 H H21    . DG  A 1 5  ? -4.938  -2.529  5.170   1.00 0.00 ? 5  DG  A H21    1 
ATOM   158 H H22    . DG  A 1 5  ? -3.350  -3.277  5.335   1.00 0.00 ? 5  DG  A H22    1 
ATOM   159 P P      . DC  A 1 6  ? -10.068 0.145   0.134   1.00 0.00 ? 6  DC  A P      1 
ATOM   160 O OP1    . DC  A 1 6  ? -11.308 0.882   0.484   1.00 0.00 ? 6  DC  A OP1    1 
ATOM   161 O OP2    . DC  A 1 6  ? -9.747  -0.080  -1.298  1.00 0.00 ? 6  DC  A OP2    1 
ATOM   162 O "O5'"  . DC  A 1 6  ? -8.812  0.894   0.809   1.00 0.00 ? 6  DC  A "O5'"  1 
ATOM   163 C "C5'"  . DC  A 1 6  ? -8.865  1.329   2.165   1.00 0.00 ? 6  DC  A "C5'"  1 
ATOM   164 C "C4'"  . DC  A 1 6  ? -7.486  1.724   2.724   1.00 0.00 ? 6  DC  A "C4'"  1 
ATOM   165 O "O4'"  . DC  A 1 6  ? -6.635  0.581   2.686   1.00 0.00 ? 6  DC  A "O4'"  1 
ATOM   166 C "C3'"  . DC  A 1 6  ? -6.805  2.871   1.945   1.00 0.00 ? 6  DC  A "C3'"  1 
ATOM   167 O "O3'"  . DC  A 1 6  ? -6.166  3.814   2.794   1.00 0.00 ? 6  DC  A "O3'"  1 
ATOM   168 C "C2'"  . DC  A 1 6  ? -5.747  2.128   1.134   1.00 0.00 ? 6  DC  A "C2'"  1 
ATOM   169 C "C1'"  . DC  A 1 6  ? -5.423  0.933   2.044   1.00 0.00 ? 6  DC  A "C1'"  1 
ATOM   170 N N1     . DC  A 1 6  ? -4.875  -0.247  1.312   1.00 0.00 ? 6  DC  A N1     1 
ATOM   171 C C2     . DC  A 1 6  ? -3.700  -0.856  1.776   1.00 0.00 ? 6  DC  A C2     1 
ATOM   172 O O2     . DC  A 1 6  ? -3.147  -0.510  2.822   1.00 0.00 ? 6  DC  A O2     1 
ATOM   173 N N3     . DC  A 1 6  ? -3.113  -1.857  1.074   1.00 0.00 ? 6  DC  A N3     1 
ATOM   174 C C4     . DC  A 1 6  ? -3.670  -2.240  -0.054  1.00 0.00 ? 6  DC  A C4     1 
ATOM   175 N N4     . DC  A 1 6  ? -3.051  -3.182  -0.701  1.00 0.00 ? 6  DC  A N4     1 
ATOM   176 C C5     . DC  A 1 6  ? -4.892  -1.710  -0.548  1.00 0.00 ? 6  DC  A C5     1 
ATOM   177 C C6     . DC  A 1 6  ? -5.474  -0.717  0.168   1.00 0.00 ? 6  DC  A C6     1 
ATOM   178 H "H5'"  . DC  A 1 6  ? -9.261  0.526   2.789   1.00 0.00 ? 6  DC  A "H5'"  1 
ATOM   179 H "H5''" . DC  A 1 6  ? -9.539  2.184   2.247   1.00 0.00 ? 6  DC  A "H5''" 1 
ATOM   180 H "H4'"  . DC  A 1 6  ? -7.617  2.030   3.763   1.00 0.00 ? 6  DC  A "H4'"  1 
ATOM   181 H "H3'"  . DC  A 1 6  ? -7.508  3.372   1.275   1.00 0.00 ? 6  DC  A "H3'"  1 
ATOM   182 H "H2'"  . DC  A 1 6  ? -6.189  1.825   0.188   1.00 0.00 ? 6  DC  A "H2'"  1 
ATOM   183 H "H2''" . DC  A 1 6  ? -4.867  2.738   0.938   1.00 0.00 ? 6  DC  A "H2''" 1 
ATOM   184 H "H1'"  . DC  A 1 6  ? -4.711  1.275   2.804   1.00 0.00 ? 6  DC  A "H1'"  1 
ATOM   185 H H41    . DC  A 1 6  ? -3.448  -3.555  -1.544  1.00 0.00 ? 6  DC  A H41    1 
ATOM   186 H H42    . DC  A 1 6  ? -2.174  -3.519  -0.322  1.00 0.00 ? 6  DC  A H42    1 
ATOM   187 H H5     . DC  A 1 6  ? -5.356  -2.067  -1.455  1.00 0.00 ? 6  DC  A H5     1 
ATOM   188 H H6     . DC  A 1 6  ? -6.416  -0.284  -0.156  1.00 0.00 ? 6  DC  A H6     1 
ATOM   189 P P      . DG  A 1 7  ? -6.986  5.024   3.469   1.00 0.00 ? 7  DG  A P      1 
ATOM   190 O OP1    . DG  A 1 7  ? -7.935  4.468   4.467   1.00 0.00 ? 7  DG  A OP1    1 
ATOM   191 O OP2    . DG  A 1 7  ? -7.511  5.886   2.383   1.00 0.00 ? 7  DG  A OP2    1 
ATOM   192 O "O5'"  . DG  A 1 7  ? -5.839  5.850   4.243   1.00 0.00 ? 7  DG  A "O5'"  1 
ATOM   193 C "C5'"  . DG  A 1 7  ? -5.195  5.325   5.401   1.00 0.00 ? 7  DG  A "C5'"  1 
ATOM   194 C "C4'"  . DG  A 1 7  ? -3.660  5.403   5.303   1.00 0.00 ? 7  DG  A "C4'"  1 
ATOM   195 O "O4'"  . DG  A 1 7  ? -3.189  4.567   4.247   1.00 0.00 ? 7  DG  A "O4'"  1 
ATOM   196 C "C3'"  . DG  A 1 7  ? -3.123  6.832   5.066   1.00 0.00 ? 7  DG  A "C3'"  1 
ATOM   197 O "O3'"  . DG  A 1 7  ? -2.101  7.113   6.018   1.00 0.00 ? 7  DG  A "O3'"  1 
ATOM   198 C "C2'"  . DG  A 1 7  ? -2.596  6.746   3.631   1.00 0.00 ? 7  DG  A "C2'"  1 
ATOM   199 C "C1'"  . DG  A 1 7  ? -2.190  5.275   3.533   1.00 0.00 ? 7  DG  A "C1'"  1 
ATOM   200 N N9     . DG  A 1 7  ? -2.103  4.824   2.123   1.00 0.00 ? 7  DG  A N9     1 
ATOM   201 C C8     . DG  A 1 7  ? -3.053  4.902   1.135   1.00 0.00 ? 7  DG  A C8     1 
ATOM   202 N N7     . DG  A 1 7  ? -2.635  4.514   -0.043  1.00 0.00 ? 7  DG  A N7     1 
ATOM   203 C C5     . DG  A 1 7  ? -1.300  4.133   0.188   1.00 0.00 ? 7  DG  A C5     1 
ATOM   204 C C6     . DG  A 1 7  ? -0.282  3.634   -0.703  1.00 0.00 ? 7  DG  A C6     1 
ATOM   205 O O6     . DG  A 1 7  ? -0.387  3.509   -1.931  1.00 0.00 ? 7  DG  A O6     1 
ATOM   206 N N1     . DG  A 1 7  ? 0.921   3.274   -0.064  1.00 0.00 ? 7  DG  A N1     1 
ATOM   207 C C2     . DG  A 1 7  ? 1.116   3.538   1.280   1.00 0.00 ? 7  DG  A C2     1 
ATOM   208 N N2     . DG  A 1 7  ? 2.242   3.213   1.875   1.00 0.00 ? 7  DG  A N2     1 
ATOM   209 N N3     . DG  A 1 7  ? 0.217   4.072   2.108   1.00 0.00 ? 7  DG  A N3     1 
ATOM   210 C C4     . DG  A 1 7  ? -0.979  4.319   1.512   1.00 0.00 ? 7  DG  A C4     1 
ATOM   211 H "H5'"  . DG  A 1 7  ? -5.472  4.280   5.553   1.00 0.00 ? 7  DG  A "H5'"  1 
ATOM   212 H "H5''" . DG  A 1 7  ? -5.522  5.889   6.276   1.00 0.00 ? 7  DG  A "H5''" 1 
ATOM   213 H "H4'"  . DG  A 1 7  ? -3.247  5.035   6.245   1.00 0.00 ? 7  DG  A "H4'"  1 
ATOM   214 H "H3'"  . DG  A 1 7  ? -3.928  7.567   5.137   1.00 0.00 ? 7  DG  A "H3'"  1 
ATOM   215 H "H2'"  . DG  A 1 7  ? -3.409  6.970   2.940   1.00 0.00 ? 7  DG  A "H2'"  1 
ATOM   216 H "H2''" . DG  A 1 7  ? -1.756  7.413   3.439   1.00 0.00 ? 7  DG  A "H2''" 1 
ATOM   217 H "H1'"  . DG  A 1 7  ? -1.223  5.141   4.027   1.00 0.00 ? 7  DG  A "H1'"  1 
ATOM   218 H H8     . DG  A 1 7  ? -4.060  5.258   1.330   1.00 0.00 ? 7  DG  A H8     1 
ATOM   219 H H22    . DG  A 1 7  ? 2.328   3.470   2.848   1.00 0.00 ? 7  DG  A H22    1 
ATOM   220 P P      . DA  A 1 8  ? -1.381  8.555   6.139   1.00 0.00 ? 8  DA  A P      1 
ATOM   221 O OP1    . DA  A 1 8  ? -1.229  8.863   7.584   1.00 0.00 ? 8  DA  A OP1    1 
ATOM   222 O OP2    . DA  A 1 8  ? -2.083  9.533   5.272   1.00 0.00 ? 8  DA  A OP2    1 
ATOM   223 O "O5'"  . DA  A 1 8  ? 0.082   8.287   5.516   1.00 0.00 ? 8  DA  A "O5'"  1 
ATOM   224 C "C5'"  . DA  A 1 8  ? 1.012   7.436   6.180   1.00 0.00 ? 8  DA  A "C5'"  1 
ATOM   225 C "C4'"  . DA  A 1 8  ? 2.388   7.360   5.490   1.00 0.00 ? 8  DA  A "C4'"  1 
ATOM   226 O "O4'"  . DA  A 1 8  ? 2.279   6.666   4.250   1.00 0.00 ? 8  DA  A "O4'"  1 
ATOM   227 C "C3'"  . DA  A 1 8  ? 3.028   8.739   5.215   1.00 0.00 ? 8  DA  A "C3'"  1 
ATOM   228 O "O3'"  . DA  A 1 8  ? 4.402   8.695   5.601   1.00 0.00 ? 8  DA  A "O3'"  1 
ATOM   229 C "C2'"  . DA  A 1 8  ? 2.829   8.869   3.703   1.00 0.00 ? 8  DA  A "C2'"  1 
ATOM   230 C "C1'"  . DA  A 1 8  ? 2.991   7.410   3.280   1.00 0.00 ? 8  DA  A "C1'"  1 
ATOM   231 N N9     . DA  A 1 8  ? 2.464   7.143   1.925   1.00 0.00 ? 8  DA  A N9     1 
ATOM   232 C C8     . DA  A 1 8  ? 1.224   7.425   1.400   1.00 0.00 ? 8  DA  A C8     1 
ATOM   233 N N7     . DA  A 1 8  ? 1.089   7.110   0.134   1.00 0.00 ? 8  DA  A N7     1 
ATOM   234 C C5     . DA  A 1 8  ? 2.357   6.599   -0.194  1.00 0.00 ? 8  DA  A C5     1 
ATOM   235 C C6     . DA  A 1 8  ? 2.966   6.078   -1.363  1.00 0.00 ? 8  DA  A C6     1 
ATOM   236 N N6     . DA  A 1 8  ? 2.386   5.922   -2.536  1.00 0.00 ? 8  DA  A N6     1 
ATOM   237 N N1     . DA  A 1 8  ? 4.227   5.644   -1.355  1.00 0.00 ? 8  DA  A N1     1 
ATOM   238 C C2     . DA  A 1 8  ? 4.905   5.710   -0.221  1.00 0.00 ? 8  DA  A C2     1 
ATOM   239 N N3     . DA  A 1 8  ? 4.479   6.161   0.951   1.00 0.00 ? 8  DA  A N3     1 
ATOM   240 C C4     . DA  A 1 8  ? 3.189   6.599   0.894   1.00 0.00 ? 8  DA  A C4     1 
ATOM   241 H "H5'"  . DA  A 1 8  ? 0.601   6.427   6.245   1.00 0.00 ? 8  DA  A "H5'"  1 
ATOM   242 H "H5''" . DA  A 1 8  ? 1.170   7.802   7.196   1.00 0.00 ? 8  DA  A "H5''" 1 
ATOM   243 H "H4'"  . DA  A 1 8  ? 3.056   6.798   6.145   1.00 0.00 ? 8  DA  A "H4'"  1 
ATOM   244 H "H3'"  . DA  A 1 8  ? 2.502   9.534   5.749   1.00 0.00 ? 8  DA  A "H3'"  1 
ATOM   245 H "H2'"  . DA  A 1 8  ? 1.818   9.223   3.498   1.00 0.00 ? 8  DA  A "H2'"  1 
ATOM   246 H "H2''" . DA  A 1 8  ? 3.554   9.522   3.224   1.00 0.00 ? 8  DA  A "H2''" 1 
ATOM   247 H "H1'"  . DA  A 1 8  ? 4.054   7.150   3.320   1.00 0.00 ? 8  DA  A "H1'"  1 
ATOM   248 H H8     . DA  A 1 8  ? 0.431   7.865   1.995   1.00 0.00 ? 8  DA  A H8     1 
ATOM   249 H H61    . DA  A 1 8  ? 1.427   6.202   -2.666  1.00 0.00 ? 8  DA  A H61    1 
ATOM   250 H H62    . DA  A 1 8  ? 2.910   5.406   -3.231  1.00 0.00 ? 8  DA  A H62    1 
ATOM   251 H H2     . DA  A 1 8  ? 5.926   5.350   -0.252  1.00 0.00 ? 8  DA  A H2     1 
ATOM   252 P P      . DG  A 1 9  ? 5.404   9.954   5.465   1.00 0.00 ? 9  DG  A P      1 
ATOM   253 O OP1    . DG  A 1 9  ? 6.293   9.957   6.654   1.00 0.00 ? 9  DG  A OP1    1 
ATOM   254 O OP2    . DG  A 1 9  ? 4.622   11.179  5.159   1.00 0.00 ? 9  DG  A OP2    1 
ATOM   255 O "O5'"  . DG  A 1 9  ? 6.286   9.583   4.166   1.00 0.00 ? 9  DG  A "O5'"  1 
ATOM   256 C "C5'"  . DG  A 1 9  ? 7.218   8.503   4.195   1.00 0.00 ? 9  DG  A "C5'"  1 
ATOM   257 C "C4'"  . DG  A 1 9  ? 8.126   8.439   2.950   1.00 0.00 ? 9  DG  A "C4'"  1 
ATOM   258 O "O4'"  . DG  A 1 9  ? 7.384   7.974   1.825   1.00 0.00 ? 9  DG  A "O4'"  1 
ATOM   259 C "C3'"  . DG  A 1 9  ? 8.766   9.796   2.590   1.00 0.00 ? 9  DG  A "C3'"  1 
ATOM   260 O "O3'"  . DG  A 1 9  ? 10.147  9.614   2.293   1.00 0.00 ? 9  DG  A "O3'"  1 
ATOM   261 C "C2'"  . DG  A 1 9  ? 7.931   10.221  1.382   1.00 0.00 ? 9  DG  A "C2'"  1 
ATOM   262 C "C1'"  . DG  A 1 9  ? 7.560   8.877   0.746   1.00 0.00 ? 9  DG  A "C1'"  1 
ATOM   263 N N9     . DG  A 1 9  ? 6.311   8.965   -0.046  1.00 0.00 ? 9  DG  A N9     1 
ATOM   264 C C8     . DG  A 1 9  ? 5.102   9.499   0.328   1.00 0.00 ? 9  DG  A C8     1 
ATOM   265 N N7     . DG  A 1 9  ? 4.185   9.471   -0.602  1.00 0.00 ? 9  DG  A N7     1 
ATOM   266 C C5     . DG  A 1 9  ? 4.837   8.857   -1.681  1.00 0.00 ? 9  DG  A C5     1 
ATOM   267 C C6     . DG  A 1 9  ? 4.375   8.510   -3.001  1.00 0.00 ? 9  DG  A C6     1 
ATOM   268 O O6     . DG  A 1 9  ? 3.268   8.695   -3.511  1.00 0.00 ? 9  DG  A O6     1 
ATOM   269 N N1     . DG  A 1 9  ? 5.327   7.866   -3.765  1.00 0.00 ? 9  DG  A N1     1 
ATOM   270 C C2     . DG  A 1 9  ? 6.573   7.571   -3.325  1.00 0.00 ? 9  DG  A C2     1 
ATOM   271 N N2     . DG  A 1 9  ? 7.356   6.933   -4.149  1.00 0.00 ? 9  DG  A N2     1 
ATOM   272 N N3     . DG  A 1 9  ? 7.059   7.898   -2.129  1.00 0.00 ? 9  DG  A N3     1 
ATOM   273 C C4     . DG  A 1 9  ? 6.136   8.534   -1.343  1.00 0.00 ? 9  DG  A C4     1 
ATOM   274 H "H5'"  . DG  A 1 9  ? 6.680   7.557   4.288   1.00 0.00 ? 9  DG  A "H5'"  1 
ATOM   275 H "H5''" . DG  A 1 9  ? 7.864   8.609   5.067   1.00 0.00 ? 9  DG  A "H5''" 1 
ATOM   276 H "H4'"  . DG  A 1 9  ? 8.925   7.725   3.159   1.00 0.00 ? 9  DG  A "H4'"  1 
ATOM   277 H "H3'"  . DG  A 1 9  ? 8.647   10.511  3.407   1.00 0.00 ? 9  DG  A "H3'"  1 
ATOM   278 H "H2'"  . DG  A 1 9  ? 7.045   10.744  1.736   1.00 0.00 ? 9  DG  A "H2'"  1 
ATOM   279 H "H2''" . DG  A 1 9  ? 8.474   10.859  0.692   1.00 0.00 ? 9  DG  A "H2''" 1 
ATOM   280 H "H1'"  . DG  A 1 9  ? 8.385   8.540   0.112   1.00 0.00 ? 9  DG  A "H1'"  1 
ATOM   281 H H8     . DG  A 1 9  ? 4.935   9.909   1.318   1.00 0.00 ? 9  DG  A H8     1 
ATOM   282 H H1     . DG  A 1 9  ? 5.039   7.540   -4.676  1.00 0.00 ? 9  DG  A H1     1 
ATOM   283 H H21    . DG  A 1 9  ? 8.295   6.726   -3.853  1.00 0.00 ? 9  DG  A H21    1 
ATOM   284 H H22    . DG  A 1 9  ? 7.019   6.688   -5.077  1.00 0.00 ? 9  DG  A H22    1 
ATOM   285 P P      . DT  A 1 10 ? 11.133  10.839  1.923   1.00 0.00 ? 10 DT  A P      1 
ATOM   286 O OP1    . DT  A 1 10 ? 12.480  10.521  2.460   1.00 0.00 ? 10 DT  A OP1    1 
ATOM   287 O OP2    . DT  A 1 10 ? 10.493  12.122  2.309   1.00 0.00 ? 10 DT  A OP2    1 
ATOM   288 O "O5'"  . DT  A 1 10 ? 11.194  10.774  0.315   1.00 0.00 ? 10 DT  A "O5'"  1 
ATOM   289 C "C5'"  . DT  A 1 10 ? 11.808  9.673   -0.347  1.00 0.00 ? 10 DT  A "C5'"  1 
ATOM   290 C "C4'"  . DT  A 1 10 ? 11.770  9.799   -1.881  1.00 0.00 ? 10 DT  A "C4'"  1 
ATOM   291 O "O4'"  . DT  A 1 10 ? 10.429  9.645   -2.336  1.00 0.00 ? 10 DT  A "O4'"  1 
ATOM   292 C "C3'"  . DT  A 1 10 ? 12.318  11.145  -2.404  1.00 0.00 ? 10 DT  A "C3'"  1 
ATOM   293 O "O3'"  . DT  A 1 10 ? 13.233  10.904  -3.470  1.00 0.00 ? 10 DT  A "O3'"  1 
ATOM   294 C "C2'"  . DT  A 1 10 ? 11.032  11.850  -2.841  1.00 0.00 ? 10 DT  A "C2'"  1 
ATOM   295 C "C1'"  . DT  A 1 10 ? 10.146  10.670  -3.269  1.00 0.00 ? 10 DT  A "C1'"  1 
ATOM   296 N N1     . DT  A 1 10 ? 8.684   10.959  -3.266  1.00 0.00 ? 10 DT  A N1     1 
ATOM   297 C C2     . DT  A 1 10 ? 7.925   10.575  -4.382  1.00 0.00 ? 10 DT  A C2     1 
ATOM   298 O O2     . DT  A 1 10 ? 8.384   9.996   -5.365  1.00 0.00 ? 10 DT  A O2     1 
ATOM   299 N N3     . DT  A 1 10 ? 6.584   10.885  -4.361  1.00 0.00 ? 10 DT  A N3     1 
ATOM   300 C C4     . DT  A 1 10 ? 5.926   11.541  -3.348  1.00 0.00 ? 10 DT  A C4     1 
ATOM   301 O O4     . DT  A 1 10 ? 4.720   11.743  -3.468  1.00 0.00 ? 10 DT  A O4     1 
ATOM   302 C C5     . DT  A 1 10 ? 6.765   11.911  -2.210  1.00 0.00 ? 10 DT  A C5     1 
ATOM   303 C C7     . DT  A 1 10 ? 6.169   12.650  -1.022  1.00 0.00 ? 10 DT  A C7     1 
ATOM   304 C C6     . DT  A 1 10 ? 8.088   11.602  -2.199  1.00 0.00 ? 10 DT  A C6     1 
ATOM   305 H "H5'"  . DT  A 1 10 ? 11.306  8.747   -0.062  1.00 0.00 ? 10 DT  A "H5'"  1 
ATOM   306 H "H5''" . DT  A 1 10 ? 12.853  9.601   -0.037  1.00 0.00 ? 10 DT  A "H5''" 1 
ATOM   307 H "H4'"  . DT  A 1 10 ? 12.376  8.992   -2.299  1.00 0.00 ? 10 DT  A "H4'"  1 
ATOM   308 H "H3'"  . DT  A 1 10 ? 12.809  11.705  -1.604  1.00 0.00 ? 10 DT  A "H3'"  1 
ATOM   309 H "H2'"  . DT  A 1 10 ? 10.628  12.377  -1.981  1.00 0.00 ? 10 DT  A "H2'"  1 
ATOM   310 H "H2''" . DT  A 1 10 ? 11.189  12.562  -3.645  1.00 0.00 ? 10 DT  A "H2''" 1 
ATOM   311 H "H1'"  . DT  A 1 10 ? 10.471  10.350  -4.265  1.00 0.00 ? 10 DT  A "H1'"  1 
ATOM   312 H H3     . DT  A 1 10 ? 6.044   10.636  -5.178  1.00 0.00 ? 10 DT  A H3     1 
ATOM   313 H H71    . DT  A 1 10 ? 5.839   13.637  -1.341  1.00 0.00 ? 10 DT  A H71    1 
ATOM   314 H H72    . DT  A 1 10 ? 6.895   12.757  -0.216  1.00 0.00 ? 10 DT  A H72    1 
ATOM   315 H H73    . DT  A 1 10 ? 5.300   12.108  -0.651  1.00 0.00 ? 10 DT  A H73    1 
ATOM   316 H H6     . DT  A 1 10 ? 8.685   11.861  -1.336  1.00 0.00 ? 10 DT  A H6     1 
ATOM   317 P P      . DC  A 1 11 ? 13.967  12.085  -4.293  1.00 0.00 ? 11 DC  A P      1 
ATOM   318 O OP1    . DC  A 1 11 ? 15.320  11.606  -4.673  1.00 0.00 ? 11 DC  A OP1    1 
ATOM   319 O OP2    . DC  A 1 11 ? 13.843  13.363  -3.549  1.00 0.00 ? 11 DC  A OP2    1 
ATOM   320 O "O5'"  . DC  A 1 11 ? 13.062  12.177  -5.623  1.00 0.00 ? 11 DC  A "O5'"  1 
ATOM   321 C "C5'"  . DC  A 1 11 ? 13.001  11.080  -6.531  1.00 0.00 ? 11 DC  A "C5'"  1 
ATOM   322 C "C4'"  . DC  A 1 11 ? 12.036  11.309  -7.710  1.00 0.00 ? 11 DC  A "C4'"  1 
ATOM   323 O "O4'"  . DC  A 1 11 ? 10.697  11.379  -7.230  1.00 0.00 ? 11 DC  A "O4'"  1 
ATOM   324 C "C3'"  . DC  A 1 11 ? 12.331  12.595  -8.510  1.00 0.00 ? 11 DC  A "C3'"  1 
ATOM   325 O "O3'"  . DC  A 1 11 ? 12.363  12.305  -9.906  1.00 0.00 ? 11 DC  A "O3'"  1 
ATOM   326 C "C2'"  . DC  A 1 11 ? 11.154  13.490  -8.117  1.00 0.00 ? 11 DC  A "C2'"  1 
ATOM   327 C "C1'"  . DC  A 1 11 ? 10.047  12.454  -7.882  1.00 0.00 ? 11 DC  A "C1'"  1 
ATOM   328 N N1     . DC  A 1 11 ? 8.935   12.970  -7.037  1.00 0.00 ? 11 DC  A N1     1 
ATOM   329 C C2     . DC  A 1 11 ? 7.628   12.970  -7.540  1.00 0.00 ? 11 DC  A C2     1 
ATOM   330 O O2     . DC  A 1 11 ? 7.351   12.532  -8.657  1.00 0.00 ? 11 DC  A O2     1 
ATOM   331 N N3     . DC  A 1 11 ? 6.607   13.478  -6.811  1.00 0.00 ? 11 DC  A N3     1 
ATOM   332 C C4     . DC  A 1 11 ? 6.866   13.966  -5.619  1.00 0.00 ? 11 DC  A C4     1 
ATOM   333 N N4     . DC  A 1 11 ? 5.846   14.434  -4.964  1.00 0.00 ? 11 DC  A N4     1 
ATOM   334 C C5     . DC  A 1 11 ? 8.163   13.979  -5.038  1.00 0.00 ? 11 DC  A C5     1 
ATOM   335 C C6     . DC  A 1 11 ? 9.178   13.470  -5.781  1.00 0.00 ? 11 DC  A C6     1 
ATOM   336 H "H5'"  . DC  A 1 11 ? 12.680  10.184  -5.996  1.00 0.00 ? 11 DC  A "H5'"  1 
ATOM   337 H "H5''" . DC  A 1 11 ? 13.997  10.894  -6.936  1.00 0.00 ? 11 DC  A "H5''" 1 
ATOM   338 H "H4'"  . DC  A 1 11 ? 12.122  10.454  -8.384  1.00 0.00 ? 11 DC  A "H4'"  1 
ATOM   339 H "H3'"  . DC  A 1 11 ? 13.277  13.037  -8.190  1.00 0.00 ? 11 DC  A "H3'"  1 
ATOM   340 H "H2'"  . DC  A 1 11 ? 11.408  14.019  -7.200  1.00 0.00 ? 11 DC  A "H2'"  1 
ATOM   341 H "H2''" . DC  A 1 11 ? 10.886  14.210  -8.885  1.00 0.00 ? 11 DC  A "H2''" 1 
ATOM   342 H "H1'"  . DC  A 1 11 ? 9.673   12.118  -8.855  1.00 0.00 ? 11 DC  A "H1'"  1 
ATOM   343 H H41    . DC  A 1 11 ? 5.962   14.812  -4.042  1.00 0.00 ? 11 DC  A H41    1 
ATOM   344 H H42    . DC  A 1 11 ? 4.937   14.355  -5.410  1.00 0.00 ? 11 DC  A H42    1 
ATOM   345 H H5     . DC  A 1 11 ? 8.356   14.369  -4.050  1.00 0.00 ? 11 DC  A H5     1 
ATOM   346 H H6     . DC  A 1 11 ? 10.190  13.445  -5.395  1.00 0.00 ? 11 DC  A H6     1 
ATOM   347 P P      . DC  A 1 12 ? 12.769  13.411  -11.011 1.00 0.00 ? 12 DC  A P      1 
ATOM   348 O OP1    . DC  A 1 12 ? 13.408  12.703  -12.148 1.00 0.00 ? 12 DC  A OP1    1 
ATOM   349 O OP2    . DC  A 1 12 ? 13.514  14.510  -10.347 1.00 0.00 ? 12 DC  A OP2    1 
ATOM   350 O "O5'"  . DC  A 1 12 ? 11.348  14.000  -11.501 1.00 0.00 ? 12 DC  A "O5'"  1 
ATOM   351 C "C5'"  . DC  A 1 12 ? 10.526  13.287  -12.420 1.00 0.00 ? 12 DC  A "C5'"  1 
ATOM   352 C "C4'"  . DC  A 1 12 ? 9.217   14.024  -12.765 1.00 0.00 ? 12 DC  A "C4'"  1 
ATOM   353 O "O4'"  . DC  A 1 12 ? 8.269   13.913  -11.716 1.00 0.00 ? 12 DC  A "O4'"  1 
ATOM   354 C "C3'"  . DC  A 1 12 ? 9.368   15.533  -13.019 1.00 0.00 ? 12 DC  A "C3'"  1 
ATOM   355 O "O3'"  . DC  A 1 12 ? 9.813   15.841  -14.359 1.00 0.00 ? 12 DC  A "O3'"  1 
ATOM   356 C "C2'"  . DC  A 1 12 ? 7.930   16.009  -12.812 1.00 0.00 ? 12 DC  A "C2'"  1 
ATOM   357 C "C1'"  . DC  A 1 12 ? 7.334   14.977  -11.837 1.00 0.00 ? 12 DC  A "C1'"  1 
ATOM   358 N N1     . DC  A 1 12 ? 7.060   15.575  -10.500 1.00 0.00 ? 12 DC  A N1     1 
ATOM   359 C C2     . DC  A 1 12 ? 5.758   16.001  -10.205 1.00 0.00 ? 12 DC  A C2     1 
ATOM   360 O O2     . DC  A 1 12 ? 4.841   15.921  -11.023 1.00 0.00 ? 12 DC  A O2     1 
ATOM   361 N N3     . DC  A 1 12 ? 5.458   16.533  -8.999  1.00 0.00 ? 12 DC  A N3     1 
ATOM   362 C C4     . DC  A 1 12 ? 6.423   16.662  -8.114  1.00 0.00 ? 12 DC  A C4     1 
ATOM   363 N N4     . DC  A 1 12 ? 6.067   17.196  -6.983  1.00 0.00 ? 12 DC  A N4     1 
ATOM   364 C C5     . DC  A 1 12 ? 7.775   16.290  -8.360  1.00 0.00 ? 12 DC  A C5     1 
ATOM   365 C C6     . DC  A 1 12 ? 8.061   15.750  -9.574  1.00 0.00 ? 12 DC  A C6     1 
ATOM   366 H "H5'"  . DC  A 1 12 ? 10.278  12.306  -12.008 1.00 0.00 ? 12 DC  A "H5'"  1 
ATOM   367 H "H5''" . DC  A 1 12 ? 11.080  13.135  -13.348 1.00 0.00 ? 12 DC  A "H5''" 1 
ATOM   368 H "H4'"  . DC  A 1 12 ? 8.790   13.565  -13.658 1.00 0.00 ? 12 DC  A "H4'"  1 
ATOM   369 H "H3'"  . DC  A 1 12 ? 10.016  15.982  -12.263 1.00 0.00 ? 12 DC  A "H3'"  1 
ATOM   370 H "HO3'" . DC  A 1 12 ? 10.754  15.595  -14.465 1.00 0.00 ? 12 DC  A "HO3'" 1 
ATOM   371 H "H2'"  . DC  A 1 12 ? 7.902   17.027  -12.422 1.00 0.00 ? 12 DC  A "H2'"  1 
ATOM   372 H "H2''" . DC  A 1 12 ? 7.378   15.969  -13.751 1.00 0.00 ? 12 DC  A "H2''" 1 
ATOM   373 H "H1'"  . DC  A 1 12 ? 6.400   14.592  -12.260 1.00 0.00 ? 12 DC  A "H1'"  1 
ATOM   374 H H41    . DC  A 1 12 ? 6.743   17.323  -6.252  1.00 0.00 ? 12 DC  A H41    1 
ATOM   375 H H42    . DC  A 1 12 ? 5.084   17.414  -6.865  1.00 0.00 ? 12 DC  A H42    1 
ATOM   376 H H5     . DC  A 1 12 ? 8.556   16.420  -7.627  1.00 0.00 ? 12 DC  A H5     1 
ATOM   377 H H6     . DC  A 1 12 ? 9.070   15.442  -9.824  1.00 0.00 ? 12 DC  A H6     1 
ATOM   378 O "O5'"  . DG  B 2 1  ? -5.618  20.017  -7.263  1.00 0.00 ? 13 DG  B "O5'"  1 
ATOM   379 C "C5'"  . DG  B 2 1  ? -5.407  18.585  -7.256  1.00 0.00 ? 13 DG  B "C5'"  1 
ATOM   380 C "C4'"  . DG  B 2 1  ? -4.754  18.111  -8.572  1.00 0.00 ? 13 DG  B "C4'"  1 
ATOM   381 O "O4'"  . DG  B 2 1  ? -3.385  18.518  -8.605  1.00 0.00 ? 13 DG  B "O4'"  1 
ATOM   382 C "C3'"  . DG  B 2 1  ? -4.770  16.573  -8.681  1.00 0.00 ? 13 DG  B "C3'"  1 
ATOM   383 O "O3'"  . DG  B 2 1  ? -4.951  16.189  -10.042 1.00 0.00 ? 13 DG  B "O3'"  1 
ATOM   384 C "C2'"  . DG  B 2 1  ? -3.387  16.210  -8.138  1.00 0.00 ? 13 DG  B "C2'"  1 
ATOM   385 C "C1'"  . DG  B 2 1  ? -2.556  17.368  -8.692  1.00 0.00 ? 13 DG  B "C1'"  1 
ATOM   386 N N9     . DG  B 2 1  ? -1.300  17.569  -7.933  1.00 0.00 ? 13 DG  B N9     1 
ATOM   387 C C8     . DG  B 2 1  ? -1.137  18.015  -6.644  1.00 0.00 ? 13 DG  B C8     1 
ATOM   388 N N7     . DG  B 2 1  ? 0.110   18.078  -6.249  1.00 0.00 ? 13 DG  B N7     1 
ATOM   389 C C5     . DG  B 2 1  ? 0.830   17.624  -7.366  1.00 0.00 ? 13 DG  B C5     1 
ATOM   390 C C6     . DG  B 2 1  ? 2.245   17.455  -7.594  1.00 0.00 ? 13 DG  B C6     1 
ATOM   391 O O6     . DG  B 2 1  ? 3.192   17.689  -6.838  1.00 0.00 ? 13 DG  B O6     1 
ATOM   392 N N1     . DG  B 2 1  ? 2.545   16.968  -8.851  1.00 0.00 ? 13 DG  B N1     1 
ATOM   393 C C2     . DG  B 2 1  ? 1.612   16.691  -9.795  1.00 0.00 ? 13 DG  B C2     1 
ATOM   394 N N2     . DG  B 2 1  ? 2.030   16.209  -10.931 1.00 0.00 ? 13 DG  B N2     1 
ATOM   395 N N3     . DG  B 2 1  ? 0.302   16.849  -9.642  1.00 0.00 ? 13 DG  B N3     1 
ATOM   396 C C4     . DG  B 2 1  ? -0.031  17.314  -8.399  1.00 0.00 ? 13 DG  B C4     1 
ATOM   397 H "H5'"  . DG  B 2 1  ? -6.371  18.086  -7.143  1.00 0.00 ? 13 DG  B "H5'"  1 
ATOM   398 H "H5''" . DG  B 2 1  ? -4.770  18.303  -6.415  1.00 0.00 ? 13 DG  B "H5''" 1 
ATOM   399 H "H4'"  . DG  B 2 1  ? -5.299  18.540  -9.415  1.00 0.00 ? 13 DG  B "H4'"  1 
ATOM   400 H "H3'"  . DG  B 2 1  ? -5.560  16.146  -8.058  1.00 0.00 ? 13 DG  B "H3'"  1 
ATOM   401 H "H2'"  . DG  B 2 1  ? -3.400  16.225  -7.049  1.00 0.00 ? 13 DG  B "H2'"  1 
ATOM   402 H "H2''" . DG  B 2 1  ? -3.032  15.243  -8.490  1.00 0.00 ? 13 DG  B "H2''" 1 
ATOM   403 H "H1'"  . DG  B 2 1  ? -2.324  17.162  -9.740  1.00 0.00 ? 13 DG  B "H1'"  1 
ATOM   404 H H8     . DG  B 2 1  ? -1.978  18.302  -6.022  1.00 0.00 ? 13 DG  B H8     1 
ATOM   405 H H1     . DG  B 2 1  ? 3.521   16.816  -9.063  1.00 0.00 ? 13 DG  B H1     1 
ATOM   406 H H21    . DG  B 2 1  ? 1.336   15.929  -11.604 1.00 0.00 ? 13 DG  B H21    1 
ATOM   407 H H22    . DG  B 2 1  ? 3.022   16.040  -11.080 1.00 0.00 ? 13 DG  B H22    1 
ATOM   408 H "HO5'" . DG  B 2 1  ? -6.028  20.312  -6.422  1.00 0.00 ? 13 DG  B "HO5'" 1 
ATOM   409 P P      . DG  B 2 2  ? -5.170  14.655  -10.494 1.00 0.00 ? 14 DG  B P      1 
ATOM   410 O OP1    . DG  B 2 2  ? -6.026  14.661  -11.705 1.00 0.00 ? 14 DG  B OP1    1 
ATOM   411 O OP2    . DG  B 2 2  ? -5.611  13.866  -9.316  1.00 0.00 ? 14 DG  B OP2    1 
ATOM   412 O "O5'"  . DG  B 2 2  ? -3.695  14.148  -10.908 1.00 0.00 ? 14 DG  B "O5'"  1 
ATOM   413 C "C5'"  . DG  B 2 2  ? -3.047  14.639  -12.079 1.00 0.00 ? 14 DG  B "C5'"  1 
ATOM   414 C "C4'"  . DG  B 2 2  ? -1.802  13.823  -12.483 1.00 0.00 ? 14 DG  B "C4'"  1 
ATOM   415 O "O4'"  . DG  B 2 2  ? -0.697  14.147  -11.646 1.00 0.00 ? 14 DG  B "O4'"  1 
ATOM   416 C "C3'"  . DG  B 2 2  ? -2.015  12.296  -12.424 1.00 0.00 ? 14 DG  B "C3'"  1 
ATOM   417 O "O3'"  . DG  B 2 2  ? -1.437  11.711  -13.586 1.00 0.00 ? 14 DG  B "O3'"  1 
ATOM   418 C "C2'"  . DG  B 2 2  ? -1.293  11.933  -11.123 1.00 0.00 ? 14 DG  B "C2'"  1 
ATOM   419 C "C1'"  . DG  B 2 2  ? -0.147  12.947  -11.126 1.00 0.00 ? 14 DG  B "C1'"  1 
ATOM   420 N N9     . DG  B 2 2  ? 0.397   13.213  -9.777  1.00 0.00 ? 14 DG  B N9     1 
ATOM   421 C C8     . DG  B 2 2  ? -0.281  13.562  -8.635  1.00 0.00 ? 14 DG  B C8     1 
ATOM   422 N N7     . DG  B 2 2  ? 0.486   13.838  -7.613  1.00 0.00 ? 14 DG  B N7     1 
ATOM   423 C C5     . DG  B 2 2  ? 1.779   13.629  -8.115  1.00 0.00 ? 14 DG  B C5     1 
ATOM   424 C C6     . DG  B 2 2  ? 3.075   13.770  -7.503  1.00 0.00 ? 14 DG  B C6     1 
ATOM   425 O O6     . DG  B 2 2  ? 3.359   14.153  -6.368  1.00 0.00 ? 14 DG  B O6     1 
ATOM   426 N N1     . DG  B 2 2  ? 4.118   13.417  -8.335  1.00 0.00 ? 14 DG  B N1     1 
ATOM   427 C C2     . DG  B 2 2  ? 3.958   13.016  -9.619  1.00 0.00 ? 14 DG  B C2     1 
ATOM   428 N N2     . DG  B 2 2  ? 5.026   12.653  -10.272 1.00 0.00 ? 14 DG  B N2     1 
ATOM   429 N N3     . DG  B 2 2  ? 2.789   12.907  -10.241 1.00 0.00 ? 14 DG  B N3     1 
ATOM   430 C C4     . DG  B 2 2  ? 1.729   13.222  -9.433  1.00 0.00 ? 14 DG  B C4     1 
ATOM   431 H "H5'"  . DG  B 2 2  ? -2.758  15.680  -11.930 1.00 0.00 ? 14 DG  B "H5'"  1 
ATOM   432 H "H5''" . DG  B 2 2  ? -3.744  14.599  -12.917 1.00 0.00 ? 14 DG  B "H5''" 1 
ATOM   433 H "H4'"  . DG  B 2 2  ? -1.548  14.097  -13.508 1.00 0.00 ? 14 DG  B "H4'"  1 
ATOM   434 H "H3'"  . DG  B 2 2  ? -3.077  12.046  -12.361 1.00 0.00 ? 14 DG  B "H3'"  1 
ATOM   435 H "H2'"  . DG  B 2 2  ? -1.963  12.103  -10.281 1.00 0.00 ? 14 DG  B "H2'"  1 
ATOM   436 H "H2''" . DG  B 2 2  ? -0.935  10.907  -11.099 1.00 0.00 ? 14 DG  B "H2''" 1 
ATOM   437 H "H1'"  . DG  B 2 2  ? 0.647   12.584  -11.786 1.00 0.00 ? 14 DG  B "H1'"  1 
ATOM   438 H H8     . DG  B 2 2  ? -1.363  13.626  -8.606  1.00 0.00 ? 14 DG  B H8     1 
ATOM   439 H H1     . DG  B 2 2  ? 5.046   13.437  -7.938  1.00 0.00 ? 14 DG  B H1     1 
ATOM   440 H H21    . DG  B 2 2  ? 4.904   12.284  -11.198 1.00 0.00 ? 14 DG  B H21    1 
ATOM   441 H H22    . DG  B 2 2  ? 5.925   12.606  -9.796  1.00 0.00 ? 14 DG  B H22    1 
ATOM   442 P P      . DA  B 2 3  ? -1.447  10.125  -13.876 1.00 0.00 ? 15 DA  B P      1 
ATOM   443 O OP1    . DA  B 2 3  ? -1.546  9.933   -15.344 1.00 0.00 ? 15 DA  B OP1    1 
ATOM   444 O OP2    . DA  B 2 3  ? -2.448  9.469   -12.999 1.00 0.00 ? 15 DA  B OP2    1 
ATOM   445 O "O5'"  . DA  B 2 3  ? 0.025   9.679   -13.394 1.00 0.00 ? 15 DA  B "O5'"  1 
ATOM   446 C "C5'"  . DA  B 2 3  ? 1.185   10.148  -14.077 1.00 0.00 ? 15 DA  B "C5'"  1 
ATOM   447 C "C4'"  . DA  B 2 3  ? 2.496   9.518   -13.568 1.00 0.00 ? 15 DA  B "C4'"  1 
ATOM   448 O "O4'"  . DA  B 2 3  ? 2.848   10.047  -12.294 1.00 0.00 ? 15 DA  B "O4'"  1 
ATOM   449 C "C3'"  . DA  B 2 3  ? 2.421   7.983   -13.461 1.00 0.00 ? 15 DA  B "C3'"  1 
ATOM   450 O "O3'"  . DA  B 2 3  ? 3.563   7.414   -14.093 1.00 0.00 ? 15 DA  B "O3'"  1 
ATOM   451 C "C2'"  . DA  B 2 3  ? 2.380   7.774   -11.943 1.00 0.00 ? 15 DA  B "C2'"  1 
ATOM   452 C "C1'"  . DA  B 2 3  ? 3.177   8.976   -11.424 1.00 0.00 ? 15 DA  B "C1'"  1 
ATOM   453 N N9     . DA  B 2 3  ? 2.810   9.366   -10.042 1.00 0.00 ? 15 DA  B N9     1 
ATOM   454 C C8     . DA  B 2 3  ? 1.557   9.633   -9.543  1.00 0.00 ? 15 DA  B C8     1 
ATOM   455 N N7     . DA  B 2 3  ? 1.542   10.049  -8.302  1.00 0.00 ? 15 DA  B N7     1 
ATOM   456 C C5     . DA  B 2 3  ? 2.905   10.041  -7.959  1.00 0.00 ? 15 DA  B C5     1 
ATOM   457 C C6     . DA  B 2 3  ? 3.643   10.391  -6.802  1.00 0.00 ? 15 DA  B C6     1 
ATOM   458 N N6     . DA  B 2 3  ? 3.109   10.887  -5.704  1.00 0.00 ? 15 DA  B N6     1 
ATOM   459 N N1     . DA  B 2 3  ? 4.972   10.276  -6.763  1.00 0.00 ? 15 DA  B N1     1 
ATOM   460 C C2     . DA  B 2 3  ? 5.586   9.826   -7.850  1.00 0.00 ? 15 DA  B C2     1 
ATOM   461 N N3     . DA  B 2 3  ? 5.039   9.470   -9.009  1.00 0.00 ? 15 DA  B N3     1 
ATOM   462 C C4     . DA  B 2 3  ? 3.681   9.606   -9.002  1.00 0.00 ? 15 DA  B C4     1 
ATOM   463 H "H5'"  . DA  B 2 3  ? 1.256   11.232  -13.980 1.00 0.00 ? 15 DA  B "H5'"  1 
ATOM   464 H "H5''" . DA  B 2 3  ? 1.095   9.910   -15.138 1.00 0.00 ? 15 DA  B "H5''" 1 
ATOM   465 H "H4'"  . DA  B 2 3  ? 3.284   9.777   -14.278 1.00 0.00 ? 15 DA  B "H4'"  1 
ATOM   466 H "H3'"  . DA  B 2 3  ? 1.507   7.605   -13.923 1.00 0.00 ? 15 DA  B "H3'"  1 
ATOM   467 H "H2'"  . DA  B 2 3  ? 1.345   7.819   -11.609 1.00 0.00 ? 15 DA  B "H2'"  1 
ATOM   468 H "H2''" . DA  B 2 3  ? 2.822   6.831   -11.638 1.00 0.00 ? 15 DA  B "H2''" 1 
ATOM   469 H "H1'"  . DA  B 2 3  ? 4.247   8.753   -11.484 1.00 0.00 ? 15 DA  B "H1'"  1 
ATOM   470 H H8     . DA  B 2 3  ? 0.661   9.526   -10.144 1.00 0.00 ? 15 DA  B H8     1 
ATOM   471 H H61    . DA  B 2 3  ? 2.112   11.005  -5.650  1.00 0.00 ? 15 DA  B H61    1 
ATOM   472 H H62    . DA  B 2 3  ? 3.709   11.120  -4.922  1.00 0.00 ? 15 DA  B H62    1 
ATOM   473 H H2     . DA  B 2 3  ? 6.664   9.743   -7.788  1.00 0.00 ? 15 DA  B H2     1 
ATOM   474 P P      . DC  B 2 4  ? 3.760   5.822   -14.270 1.00 0.00 ? 16 DC  B P      1 
ATOM   475 O OP1    . DC  B 2 4  ? 4.618   5.601   -15.462 1.00 0.00 ? 16 DC  B OP1    1 
ATOM   476 O OP2    . DC  B 2 4  ? 2.435   5.154   -14.207 1.00 0.00 ? 16 DC  B OP2    1 
ATOM   477 O "O5'"  . DC  B 2 4  ? 4.596   5.422   -12.955 1.00 0.00 ? 16 DC  B "O5'"  1 
ATOM   478 C "C5'"  . DC  B 2 4  ? 5.925   5.893   -12.770 1.00 0.00 ? 16 DC  B "C5'"  1 
ATOM   479 C "C4'"  . DC  B 2 4  ? 6.462   5.607   -11.358 1.00 0.00 ? 16 DC  B "C4'"  1 
ATOM   480 O "O4'"  . DC  B 2 4  ? 5.727   6.345   -10.388 1.00 0.00 ? 16 DC  B "O4'"  1 
ATOM   481 C "C3'"  . DC  B 2 4  ? 6.413   4.116   -10.962 1.00 0.00 ? 16 DC  B "C3'"  1 
ATOM   482 O "O3'"  . DC  B 2 4  ? 7.718   3.691   -10.572 1.00 0.00 ? 16 DC  B "O3'"  1 
ATOM   483 C "C2'"  . DC  B 2 4  ? 5.426   4.128   -9.789  1.00 0.00 ? 16 DC  B "C2'"  1 
ATOM   484 C "C1'"  . DC  B 2 4  ? 5.653   5.535   -9.233  1.00 0.00 ? 16 DC  B "C1'"  1 
ATOM   485 N N1     . DC  B 2 4  ? 4.578   6.009   -8.319  1.00 0.00 ? 16 DC  B N1     1 
ATOM   486 C C2     . DC  B 2 4  ? 4.925   6.439   -7.032  1.00 0.00 ? 16 DC  B C2     1 
ATOM   487 O O2     . DC  B 2 4  ? 6.087   6.429   -6.622  1.00 0.00 ? 16 DC  B O2     1 
ATOM   488 N N3     . DC  B 2 4  ? 3.980   6.895   -6.179  1.00 0.00 ? 16 DC  B N3     1 
ATOM   489 C C4     . DC  B 2 4  ? 2.731   6.937   -6.585  1.00 0.00 ? 16 DC  B C4     1 
ATOM   490 N N4     . DC  B 2 4  ? 1.888   7.431   -5.728  1.00 0.00 ? 16 DC  B N4     1 
ATOM   491 C C5     . DC  B 2 4  ? 2.311   6.516   -7.874  1.00 0.00 ? 16 DC  B C5     1 
ATOM   492 C C6     . DC  B 2 4  ? 3.265   6.051   -8.719  1.00 0.00 ? 16 DC  B C6     1 
ATOM   493 H "H5'"  . DC  B 2 4  ? 5.962   6.971   -12.938 1.00 0.00 ? 16 DC  B "H5'"  1 
ATOM   494 H "H5''" . DC  B 2 4  ? 6.583   5.412   -13.497 1.00 0.00 ? 16 DC  B "H5''" 1 
ATOM   495 H "H4'"  . DC  B 2 4  ? 7.502   5.937   -11.322 1.00 0.00 ? 16 DC  B "H4'"  1 
ATOM   496 H "H3'"  . DC  B 2 4  ? 6.028   3.510   -11.785 1.00 0.00 ? 16 DC  B "H3'"  1 
ATOM   497 H "H2'"  . DC  B 2 4  ? 4.414   4.010   -10.171 1.00 0.00 ? 16 DC  B "H2'"  1 
ATOM   498 H "H2''" . DC  B 2 4  ? 5.631   3.364   -9.046  1.00 0.00 ? 16 DC  B "H2''" 1 
ATOM   499 H "H1'"  . DC  B 2 4  ? 6.621   5.549   -8.720  1.00 0.00 ? 16 DC  B "H1'"  1 
ATOM   500 H H41    . DC  B 2 4  ? 0.928   7.565   -5.995  1.00 0.00 ? 16 DC  B H41    1 
ATOM   501 H H42    . DC  B 2 4  ? 2.282   7.816   -4.876  1.00 0.00 ? 16 DC  B H42    1 
ATOM   502 H H5     . DC  B 2 4  ? 1.280   6.560   -8.193  1.00 0.00 ? 16 DC  B H5     1 
ATOM   503 H H6     . DC  B 2 4  ? 3.006   5.725   -9.719  1.00 0.00 ? 16 DC  B H6     1 
ATOM   504 P P      . DT  B 2 5  ? 8.113   2.132   -10.420 1.00 0.00 ? 17 DT  B P      1 
ATOM   505 O OP1    . DT  B 2 5  ? 9.594   2.045   -10.389 1.00 0.00 ? 17 DT  B OP1    1 
ATOM   506 O OP2    . DT  B 2 5  ? 7.378   1.352   -11.447 1.00 0.00 ? 17 DT  B OP2    1 
ATOM   507 O "O5'"  . DT  B 2 5  ? 7.544   1.713   -8.972  1.00 0.00 ? 17 DT  B "O5'"  1 
ATOM   508 C "C5'"  . DT  B 2 5  ? 8.182   2.126   -7.768  1.00 0.00 ? 17 DT  B "C5'"  1 
ATOM   509 C "C4'"  . DT  B 2 5  ? 7.333   1.824   -6.516  1.00 0.00 ? 17 DT  B "C4'"  1 
ATOM   510 O "O4'"  . DT  B 2 5  ? 6.196   2.667   -6.479  1.00 0.00 ? 17 DT  B "O4'"  1 
ATOM   511 C "C3'"  . DT  B 2 5  ? 6.777   0.385   -6.444  1.00 0.00 ? 17 DT  B "C3'"  1 
ATOM   512 O "O3'"  . DT  B 2 5  ? 7.634   -0.656  -5.951  1.00 0.00 ? 17 DT  B "O3'"  1 
ATOM   513 C "C2'"  . DT  B 2 5  ? 5.436   0.549   -5.710  1.00 0.00 ? 17 DT  B "C2'"  1 
ATOM   514 C "C1'"  . DT  B 2 5  ? 5.239   2.076   -5.617  1.00 0.00 ? 17 DT  B "C1'"  1 
ATOM   515 N N1     . DT  B 2 5  ? 3.889   2.537   -6.043  1.00 0.00 ? 17 DT  B N1     1 
ATOM   516 C C2     . DT  B 2 5  ? 3.115   3.276   -5.137  1.00 0.00 ? 17 DT  B C2     1 
ATOM   517 O O2     . DT  B 2 5  ? 3.495   3.606   -4.016  1.00 0.00 ? 17 DT  B O2     1 
ATOM   518 N N3     . DT  B 2 5  ? 1.867   3.672   -5.561  1.00 0.00 ? 17 DT  B N3     1 
ATOM   519 C C4     . DT  B 2 5  ? 1.353   3.488   -6.825  1.00 0.00 ? 17 DT  B C4     1 
ATOM   520 O O4     . DT  B 2 5  ? 0.230   3.927   -7.073  1.00 0.00 ? 17 DT  B O4     1 
ATOM   521 C C5     . DT  B 2 5  ? 2.239   2.779   -7.750  1.00 0.00 ? 17 DT  B C5     1 
ATOM   522 C C7     . DT  B 2 5  ? 1.828   2.573   -9.199  1.00 0.00 ? 17 DT  B C7     1 
ATOM   523 C C6     . DT  B 2 5  ? 3.448   2.317   -7.332  1.00 0.00 ? 17 DT  B C6     1 
ATOM   524 H "H5'"  . DT  B 2 5  ? 8.372   3.200   -7.801  1.00 0.00 ? 17 DT  B "H5'"  1 
ATOM   525 H "H5''" . DT  B 2 5  ? 9.139   1.611   -7.670  1.00 0.00 ? 17 DT  B "H5''" 1 
ATOM   526 H "H4'"  . DT  B 2 5  ? 7.925   2.049   -5.633  1.00 0.00 ? 17 DT  B "H4'"  1 
ATOM   527 H "H3'"  . DT  B 2 5  ? 6.518   0.103   -7.464  1.00 0.00 ? 17 DT  B "H3'"  1 
ATOM   528 H "H2'"  . DT  B 2 5  ? 4.645   0.070   -6.286  1.00 0.00 ? 17 DT  B "H2'"  1 
ATOM   529 H "H2''" . DT  B 2 5  ? 5.445   0.119   -4.712  1.00 0.00 ? 17 DT  B "H2''" 1 
ATOM   530 H "H1'"  . DT  B 2 5  ? 5.444   2.384   -4.587  1.00 0.00 ? 17 DT  B "H1'"  1 
ATOM   531 H H3     . DT  B 2 5  ? 1.288   4.149   -4.895  1.00 0.00 ? 17 DT  B H3     1 
ATOM   532 H H71    . DT  B 2 5  ? 2.605   2.057   -9.761  1.00 0.00 ? 17 DT  B H71    1 
ATOM   533 H H72    . DT  B 2 5  ? 1.641   3.543   -9.660  1.00 0.00 ? 17 DT  B H72    1 
ATOM   534 H H73    . DT  B 2 5  ? 0.907   1.993   -9.238  1.00 0.00 ? 17 DT  B H73    1 
ATOM   535 H H6     . DT  B 2 5  ? 4.097   1.792   -8.024  1.00 0.00 ? 17 DT  B H6     1 
ATOM   536 P P      . DA  B 2 6  ? 8.406   -0.698  -4.519  1.00 0.00 ? 18 DA  B P      1 
ATOM   537 O OP1    . DA  B 2 6  ? 9.075   0.600   -4.272  1.00 0.00 ? 18 DA  B OP1    1 
ATOM   538 O OP2    . DA  B 2 6  ? 9.243   -1.923  -4.531  1.00 0.00 ? 18 DA  B OP2    1 
ATOM   539 O "O5'"  . DA  B 2 6  ? 7.267   -0.923  -3.402  1.00 0.00 ? 18 DA  B "O5'"  1 
ATOM   540 C "C5'"  . DA  B 2 6  ? 7.476   -0.557  -2.041  1.00 0.00 ? 18 DA  B "C5'"  1 
ATOM   541 C "C4'"  . DA  B 2 6  ? 6.494   -1.269  -1.088  1.00 0.00 ? 18 DA  B "C4'"  1 
ATOM   542 O "O4'"  . DA  B 2 6  ? 5.158   -0.803  -1.287  1.00 0.00 ? 18 DA  B "O4'"  1 
ATOM   543 C "C3'"  . DA  B 2 6  ? 6.488   -2.805  -1.283  1.00 0.00 ? 18 DA  B "C3'"  1 
ATOM   544 O "O3'"  . DA  B 2 6  ? 6.605   -3.527  -0.062  1.00 0.00 ? 18 DA  B "O3'"  1 
ATOM   545 C "C2'"  . DA  B 2 6  ? 5.090   -3.040  -1.851  1.00 0.00 ? 18 DA  B "C2'"  1 
ATOM   546 C "C1'"  . DA  B 2 6  ? 4.309   -1.928  -1.144  1.00 0.00 ? 18 DA  B "C1'"  1 
ATOM   547 N N9     . DA  B 2 6  ? 2.951   -1.698  -1.699  1.00 0.00 ? 18 DA  B N9     1 
ATOM   548 C C8     . DA  B 2 6  ? 2.467   -1.963  -2.962  1.00 0.00 ? 18 DA  B C8     1 
ATOM   549 N N7     . DA  B 2 6  ? 1.198   -1.684  -3.131  1.00 0.00 ? 18 DA  B N7     1 
ATOM   550 C C5     . DA  B 2 6  ? 0.823   -1.178  -1.874  1.00 0.00 ? 18 DA  B C5     1 
ATOM   551 C C6     . DA  B 2 6  ? -0.357  -0.602  -1.333  1.00 0.00 ? 18 DA  B C6     1 
ATOM   552 N N6     . DA  B 2 6  ? -1.481  -0.405  -1.996  1.00 0.00 ? 18 DA  B N6     1 
ATOM   553 N N1     . DA  B 2 6  ? -0.401  -0.138  -0.085  1.00 0.00 ? 18 DA  B N1     1 
ATOM   554 C C2     . DA  B 2 6  ? 0.701   -0.240  0.642   1.00 0.00 ? 18 DA  B C2     1 
ATOM   555 N N3     . DA  B 2 6  ? 1.869   -0.776  0.302   1.00 0.00 ? 18 DA  B N3     1 
ATOM   556 C C4     . DA  B 2 6  ? 1.875   -1.203  -0.994  1.00 0.00 ? 18 DA  B C4     1 
ATOM   557 H "H5'"  . DA  B 2 6  ? 7.377   0.522   -1.925  1.00 0.00 ? 18 DA  B "H5'"  1 
ATOM   558 H "H5''" . DA  B 2 6  ? 8.488   -0.841  -1.745  1.00 0.00 ? 18 DA  B "H5''" 1 
ATOM   559 H "H4'"  . DA  B 2 6  ? 6.790   -1.049  -0.062  1.00 0.00 ? 18 DA  B "H4'"  1 
ATOM   560 H "H3'"  . DA  B 2 6  ? 7.245   -3.127  -2.001  1.00 0.00 ? 18 DA  B "H3'"  1 
ATOM   561 H "H2'"  . DA  B 2 6  ? 5.111   -2.876  -2.927  1.00 0.00 ? 18 DA  B "H2'"  1 
ATOM   562 H "H2''" . DA  B 2 6  ? 4.702   -4.032  -1.622  1.00 0.00 ? 18 DA  B "H2''" 1 
ATOM   563 H "H1'"  . DA  B 2 6  ? 4.220   -2.174  -0.081  1.00 0.00 ? 18 DA  B "H1'"  1 
ATOM   564 H H8     . DA  B 2 6  ? 3.091   -2.360  -3.755  1.00 0.00 ? 18 DA  B H8     1 
ATOM   565 H H61    . DA  B 2 6  ? -2.232  0.062   -1.519  1.00 0.00 ? 18 DA  B H61    1 
ATOM   566 H H62    . DA  B 2 6  ? -1.539  -0.675  -2.966  1.00 0.00 ? 18 DA  B H62    1 
ATOM   567 H H2     . DA  B 2 6  ? 0.640   0.154   1.650   1.00 0.00 ? 18 DA  B H2     1 
ATOM   568 P P      . DG  B 2 7  ? 8.040   -3.886  0.581   1.00 0.00 ? 19 DG  B P      1 
ATOM   569 O OP1    . DG  B 2 7  ? 9.056   -2.911  0.113   1.00 0.00 ? 19 DG  B OP1    1 
ATOM   570 O OP2    . DG  B 2 7  ? 8.284   -5.334  0.371   1.00 0.00 ? 19 DG  B OP2    1 
ATOM   571 O "O5'"  . DG  B 2 7  ? 7.789   -3.649  2.154   1.00 0.00 ? 19 DG  B "O5'"  1 
ATOM   572 C "C5'"  . DG  B 2 7  ? 7.787   -2.343  2.717   1.00 0.00 ? 19 DG  B "C5'"  1 
ATOM   573 C "C4'"  . DG  B 2 7  ? 6.587   -2.102  3.649   1.00 0.00 ? 19 DG  B "C4'"  1 
ATOM   574 O "O4'"  . DG  B 2 7  ? 5.383   -2.094  2.889   1.00 0.00 ? 19 DG  B "O4'"  1 
ATOM   575 C "C3'"  . DG  B 2 7  ? 6.441   -3.148  4.773   1.00 0.00 ? 19 DG  B "C3'"  1 
ATOM   576 O "O3'"  . DG  B 2 7  ? 6.319   -2.454  6.012   1.00 0.00 ? 19 DG  B "O3'"  1 
ATOM   577 C "C2'"  . DG  B 2 7  ? 5.173   -3.900  4.348   1.00 0.00 ? 19 DG  B "C2'"  1 
ATOM   578 C "C1'"  . DG  B 2 7  ? 4.397   -2.816  3.600   1.00 0.00 ? 19 DG  B "C1'"  1 
ATOM   579 N N9     . DG  B 2 7  ? 3.406   -3.369  2.648   1.00 0.00 ? 19 DG  B N9     1 
ATOM   580 C C8     . DG  B 2 7  ? 3.623   -4.222  1.592   1.00 0.00 ? 19 DG  B C8     1 
ATOM   581 N N7     . DG  B 2 7  ? 2.556   -4.480  0.881   1.00 0.00 ? 19 DG  B N7     1 
ATOM   582 C C5     . DG  B 2 7  ? 1.549   -3.745  1.525   1.00 0.00 ? 19 DG  B C5     1 
ATOM   583 C C6     . DG  B 2 7  ? 0.154   -3.557  1.211   1.00 0.00 ? 19 DG  B C6     1 
ATOM   584 O O6     . DG  B 2 7  ? -0.494  -3.994  0.260   1.00 0.00 ? 19 DG  B O6     1 
ATOM   585 N N1     . DG  B 2 7  ? -0.509  -2.739  2.103   1.00 0.00 ? 19 DG  B N1     1 
ATOM   586 C C2     . DG  B 2 7  ? 0.092   -2.136  3.156   1.00 0.00 ? 19 DG  B C2     1 
ATOM   587 N N2     . DG  B 2 7  ? -0.632  -1.311  3.863   1.00 0.00 ? 19 DG  B N2     1 
ATOM   588 N N3     . DG  B 2 7  ? 1.377   -2.257  3.476   1.00 0.00 ? 19 DG  B N3     1 
ATOM   589 C C4     . DG  B 2 7  ? 2.060   -3.077  2.619   1.00 0.00 ? 19 DG  B C4     1 
ATOM   590 H "H5'"  . DG  B 2 7  ? 7.748   -1.593  1.928   1.00 0.00 ? 19 DG  B "H5'"  1 
ATOM   591 H "H5''" . DG  B 2 7  ? 8.710   -2.193  3.280   1.00 0.00 ? 19 DG  B "H5''" 1 
ATOM   592 H "H4'"  . DG  B 2 7  ? 6.712   -1.118  4.107   1.00 0.00 ? 19 DG  B "H4'"  1 
ATOM   593 H "H3'"  . DG  B 2 7  ? 7.300   -3.823  4.798   1.00 0.00 ? 19 DG  B "H3'"  1 
ATOM   594 H "H2'"  . DG  B 2 7  ? 5.450   -4.709  3.673   1.00 0.00 ? 19 DG  B "H2'"  1 
ATOM   595 H "H2''" . DG  B 2 7  ? 4.610   -4.302  5.185   1.00 0.00 ? 19 DG  B "H2''" 1 
ATOM   596 H "H1'"  . DG  B 2 7  ? 3.900   -2.162  4.322   1.00 0.00 ? 19 DG  B "H1'"  1 
ATOM   597 H H8     . DG  B 2 7  ? 4.607   -4.614  1.360   1.00 0.00 ? 19 DG  B H8     1 
ATOM   598 H H1     . DG  B 2 7  ? -1.460  -2.488  1.879   1.00 0.00 ? 19 DG  B H1     1 
ATOM   599 H H21    . DG  B 2 7  ? -0.193  -0.845  4.638   1.00 0.00 ? 19 DG  B H21    1 
ATOM   600 H H22    . DG  B 2 7  ? -1.590  -1.102  3.590   1.00 0.00 ? 19 DG  B H22    1 
ATOM   601 P P      . DC  B 2 8  ? 6.137   -3.197  7.431   1.00 0.00 ? 20 DC  B P      1 
ATOM   602 O OP1    . DC  B 2 8  ? 6.879   -2.419  8.454   1.00 0.00 ? 20 DC  B OP1    1 
ATOM   603 O OP2    . DC  B 2 8  ? 6.429   -4.643  7.280   1.00 0.00 ? 20 DC  B OP2    1 
ATOM   604 O "O5'"  . DC  B 2 8  ? 4.557   -3.020  7.696   1.00 0.00 ? 20 DC  B "O5'"  1 
ATOM   605 C "C5'"  . DC  B 2 8  ? 3.997   -1.726  7.905   1.00 0.00 ? 20 DC  B "C5'"  1 
ATOM   606 C "C4'"  . DC  B 2 8  ? 2.490   -1.768  8.214   1.00 0.00 ? 20 DC  B "C4'"  1 
ATOM   607 O "O4'"  . DC  B 2 8  ? 1.756   -2.153  7.058   1.00 0.00 ? 20 DC  B "O4'"  1 
ATOM   608 C "C3'"  . DC  B 2 8  ? 2.144   -2.720  9.376   1.00 0.00 ? 20 DC  B "C3'"  1 
ATOM   609 O "O3'"  . DC  B 2 8  ? 1.551   -1.974  10.433  1.00 0.00 ? 20 DC  B "O3'"  1 
ATOM   610 C "C2'"  . DC  B 2 8  ? 1.206   -3.739  8.720   1.00 0.00 ? 20 DC  B "C2'"  1 
ATOM   611 C "C1'"  . DC  B 2 8  ? 0.731   -3.057  7.429   1.00 0.00 ? 20 DC  B "C1'"  1 
ATOM   612 N N1     . DC  B 2 8  ? 0.543   -4.027  6.314   1.00 0.00 ? 20 DC  B N1     1 
ATOM   613 C C2     . DC  B 2 8  ? -0.713  -4.163  5.706   1.00 0.00 ? 20 DC  B C2     1 
ATOM   614 O O2     . DC  B 2 8  ? -1.709  -3.559  6.104   1.00 0.00 ? 20 DC  B O2     1 
ATOM   615 N N3     . DC  B 2 8  ? -0.878  -4.982  4.638   1.00 0.00 ? 20 DC  B N3     1 
ATOM   616 C C4     . DC  B 2 8  ? 0.161   -5.664  4.204   1.00 0.00 ? 20 DC  B C4     1 
ATOM   617 N N4     . DC  B 2 8  ? -0.036  -6.380  3.136   1.00 0.00 ? 20 DC  B N4     1 
ATOM   618 C C5     . DC  B 2 8  ? 1.453   -5.590  4.786   1.00 0.00 ? 20 DC  B C5     1 
ATOM   619 C C6     . DC  B 2 8  ? 1.611   -4.752  5.841   1.00 0.00 ? 20 DC  B C6     1 
ATOM   620 H "H5'"  . DC  B 2 8  ? 4.158   -1.108  7.021   1.00 0.00 ? 20 DC  B "H5'"  1 
ATOM   621 H "H5''" . DC  B 2 8  ? 4.498   -1.250  8.750   1.00 0.00 ? 20 DC  B "H5''" 1 
ATOM   622 H "H4'"  . DC  B 2 8  ? 2.176   -0.760  8.491   1.00 0.00 ? 20 DC  B "H4'"  1 
ATOM   623 H "H3'"  . DC  B 2 8  ? 3.044   -3.224  9.733   1.00 0.00 ? 20 DC  B "H3'"  1 
ATOM   624 H "H2'"  . DC  B 2 8  ? 1.772   -4.645  8.506   1.00 0.00 ? 20 DC  B "H2'"  1 
ATOM   625 H "H2''" . DC  B 2 8  ? 0.362   -3.996  9.350   1.00 0.00 ? 20 DC  B "H2''" 1 
ATOM   626 H "H1'"  . DC  B 2 8  ? -0.194  -2.508  7.638   1.00 0.00 ? 20 DC  B "H1'"  1 
ATOM   627 H H41    . DC  B 2 8  ? 0.724   -6.900  2.737   1.00 0.00 ? 20 DC  B H41    1 
ATOM   628 H H42    . DC  B 2 8  ? -0.954  -6.346  2.707   1.00 0.00 ? 20 DC  B H42    1 
ATOM   629 H H5     . DC  B 2 8  ? 2.296   -6.148  4.410   1.00 0.00 ? 20 DC  B H5     1 
ATOM   630 H H6     . DC  B 2 8  ? 2.580   -4.625  6.312   1.00 0.00 ? 20 DC  B H6     1 
ATOM   631 P P      . DT  B 2 9  ? 1.171   -2.631  11.859  1.00 0.00 ? 21 DT  B P      1 
ATOM   632 O OP1    . DT  B 2 9  ? 1.142   -1.544  12.871  1.00 0.00 ? 21 DT  B OP1    1 
ATOM   633 O OP2    . DT  B 2 9  ? 2.036   -3.813  12.101  1.00 0.00 ? 21 DT  B OP2    1 
ATOM   634 O "O5'"  . DT  B 2 9  ? -0.334  -3.147  11.621  1.00 0.00 ? 21 DT  B "O5'"  1 
ATOM   635 C "C5'"  . DT  B 2 9  ? -1.379  -2.230  11.321  1.00 0.00 ? 21 DT  B "C5'"  1 
ATOM   636 C "C4'"  . DT  B 2 9  ? -2.637  -2.942  10.799  1.00 0.00 ? 21 DT  B "C4'"  1 
ATOM   637 O "O4'"  . DT  B 2 9  ? -2.378  -3.575  9.554   1.00 0.00 ? 21 DT  B "O4'"  1 
ATOM   638 C "C3'"  . DT  B 2 9  ? -3.203  -4.004  11.764  1.00 0.00 ? 21 DT  B "C3'"  1 
ATOM   639 O "O3'"  . DT  B 2 9  ? -4.419  -3.515  12.320  1.00 0.00 ? 21 DT  B "O3'"  1 
ATOM   640 C "C2'"  . DT  B 2 9  ? -3.378  -5.232  10.859  1.00 0.00 ? 21 DT  B "C2'"  1 
ATOM   641 C "C1'"  . DT  B 2 9  ? -3.266  -4.668  9.439   1.00 0.00 ? 21 DT  B "C1'"  1 
ATOM   642 N N1     . DT  B 2 9  ? -2.738  -5.664  8.467   1.00 0.00 ? 21 DT  B N1     1 
ATOM   643 C C2     . DT  B 2 9  ? -3.556  -6.062  7.401   1.00 0.00 ? 21 DT  B C2     1 
ATOM   644 O O2     . DT  B 2 9  ? -4.711  -5.670  7.234   1.00 0.00 ? 21 DT  B O2     1 
ATOM   645 N N3     . DT  B 2 9  ? -3.016  -6.958  6.510   1.00 0.00 ? 21 DT  B N3     1 
ATOM   646 C C4     . DT  B 2 9  ? -1.759  -7.508  6.577   1.00 0.00 ? 21 DT  B C4     1 
ATOM   647 O O4     . DT  B 2 9  ? -1.412  -8.292  5.696   1.00 0.00 ? 21 DT  B O4     1 
ATOM   648 C C5     . DT  B 2 9  ? -0.962  -7.078  7.725   1.00 0.00 ? 21 DT  B C5     1 
ATOM   649 C C7     . DT  B 2 9  ? 0.443   -7.616  7.928   1.00 0.00 ? 21 DT  B C7     1 
ATOM   650 C C6     . DT  B 2 9  ? -1.468  -6.188  8.619   1.00 0.00 ? 21 DT  B C6     1 
ATOM   651 H "H5'"  . DT  B 2 9  ? -1.047  -1.526  10.553  1.00 0.00 ? 21 DT  B "H5'"  1 
ATOM   652 H "H5''" . DT  B 2 9  ? -1.636  -1.662  12.217  1.00 0.00 ? 21 DT  B "H5''" 1 
ATOM   653 H "H4'"  . DT  B 2 9  ? -3.408  -2.186  10.639  1.00 0.00 ? 21 DT  B "H4'"  1 
ATOM   654 H "H3'"  . DT  B 2 9  ? -2.483  -4.226  12.555  1.00 0.00 ? 21 DT  B "H3'"  1 
ATOM   655 H "H2'"  . DT  B 2 9  ? -2.577  -5.939  11.068  1.00 0.00 ? 21 DT  B "H2'"  1 
ATOM   656 H "H2''" . DT  B 2 9  ? -4.333  -5.728  10.996  1.00 0.00 ? 21 DT  B "H2''" 1 
ATOM   657 H "H1'"  . DT  B 2 9  ? -4.250  -4.306  9.127   1.00 0.00 ? 21 DT  B "H1'"  1 
ATOM   658 H H3     . DT  B 2 9  ? -3.591  -7.220  5.721   1.00 0.00 ? 21 DT  B H3     1 
ATOM   659 H H71    . DT  B 2 9  ? 0.902   -7.199  8.823   1.00 0.00 ? 21 DT  B H71    1 
ATOM   660 H H72    . DT  B 2 9  ? 1.057   -7.370  7.061   1.00 0.00 ? 21 DT  B H72    1 
ATOM   661 H H73    . DT  B 2 9  ? 0.405   -8.702  8.019   1.00 0.00 ? 21 DT  B H73    1 
ATOM   662 H H6     . DT  B 2 9  ? -0.871  -5.873  9.465   1.00 0.00 ? 21 DT  B H6     1 
ATOM   663 P P      . DA  B 2 10 ? -5.309  -4.351  13.376  1.00 0.00 ? 22 DA  B P      1 
ATOM   664 O OP1    . DA  B 2 10 ? -6.050  -3.378  14.217  1.00 0.00 ? 22 DA  B OP1    1 
ATOM   665 O OP2    . DA  B 2 10 ? -4.458  -5.371  14.039  1.00 0.00 ? 22 DA  B OP2    1 
ATOM   666 O "O5'"  . DA  B 2 10 ? -6.364  -5.109  12.425  1.00 0.00 ? 22 DA  B "O5'"  1 
ATOM   667 C "C5'"  . DA  B 2 10 ? -7.235  -4.368  11.576  1.00 0.00 ? 22 DA  B "C5'"  1 
ATOM   668 C "C4'"  . DA  B 2 10 ? -8.116  -5.255  10.677  1.00 0.00 ? 22 DA  B "C4'"  1 
ATOM   669 O "O4'"  . DA  B 2 10 ? -7.307  -5.974  9.752   1.00 0.00 ? 22 DA  B "O4'"  1 
ATOM   670 C "C3'"  . DA  B 2 10 ? -8.972  -6.268  11.462  1.00 0.00 ? 22 DA  B "C3'"  1 
ATOM   671 O "O3'"  . DA  B 2 10 ? -10.292 -6.251  10.930  1.00 0.00 ? 22 DA  B "O3'"  1 
ATOM   672 C "C2'"  . DA  B 2 10 ? -8.220  -7.580  11.213  1.00 0.00 ? 22 DA  B "C2'"  1 
ATOM   673 C "C1'"  . DA  B 2 10 ? -7.648  -7.349  9.811   1.00 0.00 ? 22 DA  B "C1'"  1 
ATOM   674 N N9     . DA  B 2 10 ? -6.432  -8.146  9.532   1.00 0.00 ? 22 DA  B N9     1 
ATOM   675 C C8     . DA  B 2 10 ? -5.301  -8.285  10.305  1.00 0.00 ? 22 DA  B C8     1 
ATOM   676 N N7     . DA  B 2 10 ? -4.338  -8.971  9.741   1.00 0.00 ? 22 DA  B N7     1 
ATOM   677 C C5     . DA  B 2 10 ? -4.907  -9.346  8.512   1.00 0.00 ? 22 DA  B C5     1 
ATOM   678 C C6     . DA  B 2 10 ? -4.464  -10.087 7.389   1.00 0.00 ? 22 DA  B C6     1 
ATOM   679 N N6     . DA  B 2 10 ? -3.258  -10.610 7.258   1.00 0.00 ? 22 DA  B N6     1 
ATOM   680 N N1     . DA  B 2 10 ? -5.258  -10.291 6.338   1.00 0.00 ? 22 DA  B N1     1 
ATOM   681 C C2     . DA  B 2 10 ? -6.476  -9.765  6.362   1.00 0.00 ? 22 DA  B C2     1 
ATOM   682 N N3     . DA  B 2 10 ? -7.027  -9.032  7.322   1.00 0.00 ? 22 DA  B N3     1 
ATOM   683 C C4     . DA  B 2 10 ? -6.183  -8.859  8.382   1.00 0.00 ? 22 DA  B C4     1 
ATOM   684 H "H5'"  . DA  B 2 10 ? -6.646  -3.713  10.931  1.00 0.00 ? 22 DA  B "H5'"  1 
ATOM   685 H "H5''" . DA  B 2 10 ? -7.887  -3.742  12.187  1.00 0.00 ? 22 DA  B "H5''" 1 
ATOM   686 H "H4'"  . DA  B 2 10 ? -8.784  -4.598  10.117  1.00 0.00 ? 22 DA  B "H4'"  1 
ATOM   687 H "H3'"  . DA  B 2 10 ? -8.984  -6.023  12.527  1.00 0.00 ? 22 DA  B "H3'"  1 
ATOM   688 H "H2'"  . DA  B 2 10 ? -7.425  -7.676  11.951  1.00 0.00 ? 22 DA  B "H2'"  1 
ATOM   689 H "H2''" . DA  B 2 10 ? -8.864  -8.456  11.256  1.00 0.00 ? 22 DA  B "H2''" 1 
ATOM   690 H "H1'"  . DA  B 2 10 ? -8.422  -7.570  9.069   1.00 0.00 ? 22 DA  B "H1'"  1 
ATOM   691 H H8     . DA  B 2 10 ? -5.211  -7.831  11.285  1.00 0.00 ? 22 DA  B H8     1 
ATOM   692 H H61    . DA  B 2 10 ? -2.593  -10.503 8.004   1.00 0.00 ? 22 DA  B H61    1 
ATOM   693 H H62    . DA  B 2 10 ? -3.002  -11.054 6.383   1.00 0.00 ? 22 DA  B H62    1 
ATOM   694 H H2     . DA  B 2 10 ? -7.092  -9.949  5.489   1.00 0.00 ? 22 DA  B H2     1 
ATOM   695 P P      . DG  B 2 11 ? -11.499 -7.117  11.555  1.00 0.00 ? 23 DG  B P      1 
ATOM   696 O OP1    . DG  B 2 11 ? -12.753 -6.343  11.378  1.00 0.00 ? 23 DG  B OP1    1 
ATOM   697 O OP2    . DG  B 2 11 ? -11.125 -7.569  12.919  1.00 0.00 ? 23 DG  B OP2    1 
ATOM   698 O "O5'"  . DG  B 2 11 ? -11.544 -8.406  10.588  1.00 0.00 ? 23 DG  B "O5'"  1 
ATOM   699 C "C5'"  . DG  B 2 11 ? -11.998 -8.297  9.242   1.00 0.00 ? 23 DG  B "C5'"  1 
ATOM   700 C "C4'"  . DG  B 2 11 ? -12.017 -9.648  8.502   1.00 0.00 ? 23 DG  B "C4'"  1 
ATOM   701 O "O4'"  . DG  B 2 11 ? -10.695 -10.059 8.176   1.00 0.00 ? 23 DG  B "O4'"  1 
ATOM   702 C "C3'"  . DG  B 2 11 ? -12.696 -10.772 9.312   1.00 0.00 ? 23 DG  B "C3'"  1 
ATOM   703 O "O3'"  . DG  B 2 11 ? -13.774 -11.322 8.562   1.00 0.00 ? 23 DG  B "O3'"  1 
ATOM   704 C "C2'"  . DG  B 2 11 ? -11.539 -11.753 9.546   1.00 0.00 ? 23 DG  B "C2'"  1 
ATOM   705 C "C1'"  . DG  B 2 11 ? -10.598 -11.459 8.372   1.00 0.00 ? 23 DG  B "C1'"  1 
ATOM   706 N N9     . DG  B 2 11 ? -9.184  -11.806 8.653   1.00 0.00 ? 23 DG  B N9     1 
ATOM   707 C C8     . DG  B 2 11 ? -8.422  -11.430 9.733   1.00 0.00 ? 23 DG  B C8     1 
ATOM   708 N N7     . DG  B 2 11 ? -7.181  -11.837 9.688   1.00 0.00 ? 23 DG  B N7     1 
ATOM   709 C C5     . DG  B 2 11 ? -7.116  -12.548 8.481   1.00 0.00 ? 23 DG  B C5     1 
ATOM   710 C C6     . DG  B 2 11 ? -6.026  -13.242 7.844   1.00 0.00 ? 23 DG  B C6     1 
ATOM   711 O O6     . DG  B 2 11 ? -4.860  -13.370 8.220   1.00 0.00 ? 23 DG  B O6     1 
ATOM   712 N N1     . DG  B 2 11 ? -6.369  -13.831 6.646   1.00 0.00 ? 23 DG  B N1     1 
ATOM   713 C C2     . DG  B 2 11 ? -7.612  -13.780 6.110   1.00 0.00 ? 23 DG  B C2     1 
ATOM   714 N N2     . DG  B 2 11 ? -7.797  -14.427 4.991   1.00 0.00 ? 23 DG  B N2     1 
ATOM   715 N N3     . DG  B 2 11 ? -8.652  -13.151 6.657   1.00 0.00 ? 23 DG  B N3     1 
ATOM   716 C C4     . DG  B 2 11 ? -8.341  -12.544 7.847   1.00 0.00 ? 23 DG  B C4     1 
ATOM   717 H "H5'"  . DG  B 2 11 ? -11.358 -7.603  8.692   1.00 0.00 ? 23 DG  B "H5'"  1 
ATOM   718 H "H5''" . DG  B 2 11 ? -13.013 -7.899  9.237   1.00 0.00 ? 23 DG  B "H5''" 1 
ATOM   719 H "H4'"  . DG  B 2 11 ? -12.572 -9.513  7.570   1.00 0.00 ? 23 DG  B "H4'"  1 
ATOM   720 H "H3'"  . DG  B 2 11 ? -13.060 -10.387 10.266  1.00 0.00 ? 23 DG  B "H3'"  1 
ATOM   721 H "H2'"  . DG  B 2 11 ? -11.062 -11.507 10.494  1.00 0.00 ? 23 DG  B "H2'"  1 
ATOM   722 H "H2''" . DG  B 2 11 ? -11.858 -12.792 9.559   1.00 0.00 ? 23 DG  B "H2''" 1 
ATOM   723 H "H1'"  . DG  B 2 11 ? -10.949 -11.992 7.483   1.00 0.00 ? 23 DG  B "H1'"  1 
ATOM   724 H H8     . DG  B 2 11 ? -8.823  -10.830 10.542  1.00 0.00 ? 23 DG  B H8     1 
ATOM   725 H H1     . DG  B 2 11 ? -5.642  -14.321 6.148   1.00 0.00 ? 23 DG  B H1     1 
ATOM   726 H H21    . DG  B 2 11 ? -8.713  -14.401 4.577   1.00 0.00 ? 23 DG  B H21    1 
ATOM   727 H H22    . DG  B 2 11 ? -7.030  -14.937 4.560   1.00 0.00 ? 23 DG  B H22    1 
ATOM   728 P P      . DC  B 2 12 ? -14.864 -12.322 9.214   1.00 0.00 ? 24 DC  B P      1 
ATOM   729 O OP1    . DC  B 2 12 ? -16.105 -12.236 8.404   1.00 0.00 ? 24 DC  B OP1    1 
ATOM   730 O OP2    . DC  B 2 12 ? -14.946 -12.071 10.675  1.00 0.00 ? 24 DC  B OP2    1 
ATOM   731 O "O5'"  . DC  B 2 12 ? -14.206 -13.771 8.990   1.00 0.00 ? 24 DC  B "O5'"  1 
ATOM   732 C "C5'"  . DC  B 2 12 ? -14.131 -14.345 7.691   1.00 0.00 ? 24 DC  B "C5'"  1 
ATOM   733 C "C4'"  . DC  B 2 12 ? -13.135 -15.515 7.623   1.00 0.00 ? 24 DC  B "C4'"  1 
ATOM   734 O "O4'"  . DC  B 2 12 ? -11.809 -15.053 7.821   1.00 0.00 ? 24 DC  B "O4'"  1 
ATOM   735 C "C3'"  . DC  B 2 12 ? -13.340 -16.615 8.680   1.00 0.00 ? 24 DC  B "C3'"  1 
ATOM   736 O "O3'"  . DC  B 2 12 ? -14.267 -17.637 8.251   1.00 0.00 ? 24 DC  B "O3'"  1 
ATOM   737 C "C2'"  . DC  B 2 12 ? -11.930 -17.200 8.822   1.00 0.00 ? 24 DC  B "C2'"  1 
ATOM   738 C "C1'"  . DC  B 2 12 ? -11.017 -16.191 8.099   1.00 0.00 ? 24 DC  B "C1'"  1 
ATOM   739 N N1     . DC  B 2 12 ? -9.824  -15.815 8.907   1.00 0.00 ? 24 DC  B N1     1 
ATOM   740 C C2     . DC  B 2 12 ? -8.557  -16.221 8.473   1.00 0.00 ? 24 DC  B C2     1 
ATOM   741 O O2     . DC  B 2 12 ? -8.390  -16.835 7.419   1.00 0.00 ? 24 DC  B O2     1 
ATOM   742 N N3     . DC  B 2 12 ? -7.454  -15.968 9.213   1.00 0.00 ? 24 DC  B N3     1 
ATOM   743 C C4     . DC  B 2 12 ? -7.598  -15.339 10.359  1.00 0.00 ? 24 DC  B C4     1 
ATOM   744 N N4     . DC  B 2 12 ? -6.498  -15.142 11.024  1.00 0.00 ? 24 DC  B N4     1 
ATOM   745 C C5     . DC  B 2 12 ? -8.855  -14.904 10.864  1.00 0.00 ? 24 DC  B C5     1 
ATOM   746 C C6     . DC  B 2 12 ? -9.953  -15.158 10.108  1.00 0.00 ? 24 DC  B C6     1 
ATOM   747 H "H5'"  . DC  B 2 12 ? -13.809 -13.588 6.973   1.00 0.00 ? 24 DC  B "H5'"  1 
ATOM   748 H "H5''" . DC  B 2 12 ? -15.119 -14.698 7.393   1.00 0.00 ? 24 DC  B "H5''" 1 
ATOM   749 H "H4'"  . DC  B 2 12 ? -13.204 -15.969 6.633   1.00 0.00 ? 24 DC  B "H4'"  1 
ATOM   750 H "H3'"  . DC  B 2 12 ? -13.646 -16.168 9.630   1.00 0.00 ? 24 DC  B "H3'"  1 
ATOM   751 H "HO3'" . DC  B 2 12 ? -15.183 -17.290 8.255   1.00 0.00 ? 24 DC  B "HO3'" 1 
ATOM   752 H "H2'"  . DC  B 2 12 ? -11.676 -17.313 9.876   1.00 0.00 ? 24 DC  B "H2'"  1 
ATOM   753 H "H2''" . DC  B 2 12 ? -11.850 -18.171 8.334   1.00 0.00 ? 24 DC  B "H2''" 1 
ATOM   754 H "H1'"  . DC  B 2 12 ? -10.701 -16.633 7.148   1.00 0.00 ? 24 DC  B "H1'"  1 
ATOM   755 H H41    . DC  B 2 12 ? -6.521  -14.652 11.900  1.00 0.00 ? 24 DC  B H41    1 
ATOM   756 H H42    . DC  B 2 12 ? -5.634  -15.461 10.597  1.00 0.00 ? 24 DC  B H42    1 
ATOM   757 H H5     . DC  B 2 12 ? -8.954  -14.393 11.811  1.00 0.00 ? 24 DC  B H5     1 
ATOM   758 H H6     . DC  B 2 12 ? -10.942 -14.855 10.440  1.00 0.00 ? 24 DC  B H6     1 
HETATM 759 C C1     . HND C 3 .  ? 2.062   2.788   -0.892  1.00 0.00 ? 25 HND A C1     1 
HETATM 760 C C2     . HND C 3 .  ? 3.340   2.372   -0.143  1.00 0.00 ? 25 HND A C2     1 
HETATM 761 C C3     . HND C 3 .  ? 3.212   2.256   1.380   1.00 0.00 ? 25 HND A C3     1 
HETATM 762 C C4     . HND C 3 .  ? 4.567   2.463   2.106   1.00 0.00 ? 25 HND A C4     1 
HETATM 763 C C5     . HND C 3 .  ? 5.499   1.257   1.877   1.00 0.00 ? 25 HND A C5     1 
HETATM 764 C C6     . HND C 3 .  ? 6.979   1.527   2.200   1.00 0.00 ? 25 HND A C6     1 
HETATM 765 C C7     . HND C 3 .  ? 7.610   2.563   1.247   1.00 0.00 ? 25 HND A C7     1 
HETATM 766 C C8     . HND C 3 .  ? 9.146   2.465   1.202   1.00 0.00 ? 25 HND A C8     1 
HETATM 767 C C9     . HND C 3 .  ? 9.814   2.780   2.549   1.00 0.00 ? 25 HND A C9     1 
HETATM 768 O O10    . HND C 3 .  ? 4.353   2.630   3.528   1.00 0.00 ? 25 HND A O10    1 
HETATM 769 O O11    . HND C 3 .  ? 1.644   1.710   -1.710  1.00 0.00 ? 25 HND A O11    1 
HETATM 770 H H2     . HND C 3 .  ? 3.696   1.421   -0.536  1.00 0.00 ? 25 HND A H2     1 
HETATM 771 H H3     . HND C 3 .  ? 2.841   1.267   1.641   1.00 0.00 ? 25 HND A H3     1 
HETATM 772 H H4     . HND C 3 .  ? 5.022   3.376   1.724   1.00 0.00 ? 25 HND A H4     1 
HETATM 773 H H5     . HND C 3 .  ? 5.442   0.931   0.841   1.00 0.00 ? 25 HND A H5     1 
HETATM 774 H H5A    . HND C 3 .  ? 5.144   0.430   2.489   1.00 0.00 ? 25 HND A H5A    1 
HETATM 775 H HO10   . HND C 3 .  ? 5.201   2.793   3.979   1.00 0.00 ? 25 HND A HO10   1 
HETATM 776 H H6     . HND C 3 .  ? 7.512   0.587   2.096   1.00 0.00 ? 25 HND A H6     1 
HETATM 777 H H6A    . HND C 3 .  ? 7.082   1.855   3.233   1.00 0.00 ? 25 HND A H6A    1 
HETATM 778 H H7     . HND C 3 .  ? 7.318   3.569   1.547   1.00 0.00 ? 25 HND A H7     1 
HETATM 779 H H7A    . HND C 3 .  ? 7.237   2.394   0.236   1.00 0.00 ? 25 HND A H7A    1 
HETATM 780 H H8     . HND C 3 .  ? 9.514   3.172   0.460   1.00 0.00 ? 25 HND A H8     1 
HETATM 781 H H8A    . HND C 3 .  ? 9.436   1.465   0.883   1.00 0.00 ? 25 HND A H8A    1 
HETATM 782 H H9     . HND C 3 .  ? 10.896  2.752   2.432   1.00 0.00 ? 25 HND A H9     1 
HETATM 783 H H9A    . HND C 3 .  ? 9.530   2.045   3.301   1.00 0.00 ? 25 HND A H9A    1 
HETATM 784 H H9B    . HND C 3 .  ? 9.524   3.774   2.891   1.00 0.00 ? 25 HND A H9B    1 
HETATM 785 H H1     . HND C 3 .  ? 2.340   3.574   -1.581  1.00 0.00 ? 25 HND A H1     1 
HETATM 786 H HO11   . HND C 3 .  ? 0.871   2.033   -2.204  1.00 0.00 ? 25 HND A HO11   1 
HETATM 787 H H2A    . HND C 3 .  ? 4.107   3.102   -0.377  1.00 0.00 ? 25 HND A H2A    1 
# 
